data_1FV1
#
_entry.id   1FV1
#
_cell.length_a   63.189
_cell.length_b   114.892
_cell.length_c   63.175
_cell.angle_alpha   90
_cell.angle_beta   90.90
_cell.angle_gamma   90
#
_symmetry.space_group_name_H-M   'P 1 21 1'
#
loop_
_entity.id
_entity.type
_entity.pdbx_description
1 polymer 'MAJOR HISTOCOMPATIBILITY COMPLEX ALPHA CHAIN'
2 polymer 'MAJOR HISTOCOMPATIBILITY COMPLEX BETA CHAIN'
3 polymer 'MYELIN BASIC PROTEIN'
4 non-polymer 'SULFATE ION'
5 non-polymer GLYCEROL
6 water water
#
loop_
_entity_poly.entity_id
_entity_poly.type
_entity_poly.pdbx_seq_one_letter_code
_entity_poly.pdbx_strand_id
1 'polypeptide(L)'
;IKEEHVIIQAEFYLNPDQSGEFMFDFDGDEIFHVDMAKKETVWRLEEFGRFASFEAQGALANIAVDKANLEIMTKRSNYT
PITNVPPEVTVLTNSPVELREPNVLICFIDKFTPPVVNVTWLRNGKPVTTGVSETVFLPREDHLFRKFHYLPFLPSTEDV
YDCRVEHWGLDEPLLKHWEFD
;
A,D
2 'polypeptide(L)'
;GDTRPRFLQQDKYECHFFNGTERVRFLHRDIYNQEEDLRFDSDVGEYRAVTELGRPDAEYWNSQKDFLEDRRAAVDTYCR
HNYGVGESFTVQRRVEPKVTVYPARTQTLQHHNLLVCSVNGFYPGSIEVRWFRNSQEEKAGVVSTGLIQNGDWTFQTLVM
LETVPRSGEVYTCQVEHPSVTSPLTVEWRA
;
B,E
3 'polypeptide(L)' NPVVHFFKNIVTPRTPPPSQ C,F
#
loop_
_chem_comp.id
_chem_comp.type
_chem_comp.name
_chem_comp.formula
GOL non-polymer GLYCEROL 'C3 H8 O3'
SO4 non-polymer 'SULFATE ION' 'O4 S -2'
#
# COMPACT_ATOMS: atom_id res chain seq x y z
N GLU A 3 -0.43 10.36 -3.64
CA GLU A 3 -1.19 10.62 -2.38
C GLU A 3 -0.95 12.04 -1.86
N GLU A 4 -1.97 12.60 -1.23
CA GLU A 4 -1.85 13.96 -0.72
C GLU A 4 -1.89 14.06 0.80
N HIS A 5 -2.98 13.57 1.41
CA HIS A 5 -3.09 13.64 2.88
C HIS A 5 -3.67 12.37 3.48
N VAL A 6 -3.25 12.07 4.71
CA VAL A 6 -3.72 10.87 5.39
C VAL A 6 -4.11 11.15 6.83
N ILE A 7 -5.32 10.73 7.20
CA ILE A 7 -5.78 10.89 8.57
C ILE A 7 -5.95 9.48 9.12
N ILE A 8 -5.36 9.24 10.28
CA ILE A 8 -5.43 7.92 10.90
C ILE A 8 -5.91 7.95 12.34
N GLN A 9 -6.90 7.12 12.62
CA GLN A 9 -7.45 6.94 13.95
C GLN A 9 -6.68 5.71 14.43
N ALA A 10 -5.69 5.92 15.29
CA ALA A 10 -4.87 4.83 15.80
C ALA A 10 -5.16 4.61 17.28
N GLU A 11 -5.44 3.36 17.63
CA GLU A 11 -5.73 3.00 19.00
C GLU A 11 -5.03 1.69 19.33
N PHE A 12 -4.78 1.45 20.62
CA PHE A 12 -4.15 0.21 21.04
C PHE A 12 -4.46 -0.10 22.49
N TYR A 13 -4.33 -1.37 22.84
CA TYR A 13 -4.51 -1.82 24.22
C TYR A 13 -3.37 -2.81 24.46
N LEU A 14 -2.69 -2.66 25.60
CA LEU A 14 -1.56 -3.50 25.93
C LEU A 14 -1.69 -4.31 27.21
N ASN A 15 -1.53 -5.63 27.10
CA ASN A 15 -1.55 -6.52 28.26
C ASN A 15 -0.13 -6.99 28.47
N PRO A 16 0.27 -7.26 29.73
CA PRO A 16 -0.57 -7.13 30.93
C PRO A 16 -0.59 -5.73 31.54
N ASP A 17 0.09 -4.76 30.94
CA ASP A 17 0.13 -3.42 31.50
C ASP A 17 -1.23 -2.77 31.60
N GLN A 18 -2.15 -3.21 30.76
CA GLN A 18 -3.51 -2.67 30.75
C GLN A 18 -3.47 -1.20 30.36
N SER A 19 -2.67 -0.89 29.34
CA SER A 19 -2.55 0.48 28.87
C SER A 19 -3.24 0.59 27.55
N GLY A 20 -3.96 1.69 27.35
CA GLY A 20 -4.66 1.84 26.10
C GLY A 20 -4.43 3.24 25.59
N GLU A 21 -4.59 3.42 24.29
CA GLU A 21 -4.40 4.72 23.70
C GLU A 21 -5.32 4.91 22.51
N PHE A 22 -5.75 6.14 22.33
CA PHE A 22 -6.62 6.50 21.22
C PHE A 22 -6.19 7.87 20.72
N MET A 23 -5.74 7.93 19.47
CA MET A 23 -5.28 9.19 18.91
C MET A 23 -5.61 9.31 17.43
N PHE A 24 -5.51 10.54 16.92
CA PHE A 24 -5.74 10.80 15.50
C PHE A 24 -4.44 11.36 14.95
N ASP A 25 -4.03 10.86 13.80
CA ASP A 25 -2.80 11.32 13.18
C ASP A 25 -3.11 11.95 11.82
N PHE A 26 -2.43 13.06 11.51
CA PHE A 26 -2.59 13.74 10.23
C PHE A 26 -1.18 13.90 9.66
N ASP A 27 -0.89 13.19 8.59
CA ASP A 27 0.41 13.24 7.93
C ASP A 27 1.60 13.13 8.89
N GLY A 28 1.52 12.22 9.86
CA GLY A 28 2.62 12.07 10.80
C GLY A 28 2.59 12.93 12.04
N ASP A 29 1.58 13.81 12.16
CA ASP A 29 1.45 14.66 13.35
C ASP A 29 0.16 14.32 14.10
N GLU A 30 0.17 14.47 15.42
CA GLU A 30 -0.99 14.15 16.23
C GLU A 30 -2.00 15.28 16.27
N ILE A 31 -3.25 14.99 15.94
CA ILE A 31 -4.29 16.01 16.00
C ILE A 31 -4.73 16.07 17.47
N PHE A 32 -4.98 14.90 18.05
CA PHE A 32 -5.39 14.80 19.46
C PHE A 32 -5.34 13.35 19.92
N HIS A 33 -5.49 13.16 21.23
CA HIS A 33 -5.57 11.83 21.83
C HIS A 33 -6.54 11.97 22.99
N VAL A 34 -7.03 10.86 23.51
CA VAL A 34 -7.93 10.91 24.63
C VAL A 34 -7.25 10.45 25.91
N ASP A 35 -7.34 11.27 26.95
CA ASP A 35 -6.75 10.95 28.24
C ASP A 35 -7.66 9.89 28.86
N MET A 36 -7.20 8.64 28.90
CA MET A 36 -8.01 7.57 29.45
C MET A 36 -8.37 7.85 30.91
N ALA A 37 -7.40 8.37 31.66
CA ALA A 37 -7.63 8.68 33.07
C ALA A 37 -8.70 9.74 33.26
N LYS A 38 -8.48 10.94 32.70
CA LYS A 38 -9.43 12.04 32.83
C LYS A 38 -10.66 11.92 31.93
N LYS A 39 -10.65 10.95 31.04
CA LYS A 39 -11.78 10.76 30.13
C LYS A 39 -12.06 12.02 29.31
N GLU A 40 -10.99 12.65 28.83
CA GLU A 40 -11.16 13.87 28.04
C GLU A 40 -10.23 13.92 26.85
N THR A 41 -10.65 14.61 25.81
CA THR A 41 -9.84 14.74 24.60
C THR A 41 -8.80 15.83 24.81
N VAL A 42 -7.57 15.54 24.39
CA VAL A 42 -6.46 16.49 24.53
C VAL A 42 -5.94 16.84 23.14
N TRP A 43 -6.07 18.11 22.75
CA TRP A 43 -5.63 18.56 21.44
C TRP A 43 -4.13 18.82 21.48
N ARG A 44 -3.43 18.40 20.42
CA ARG A 44 -1.98 18.59 20.36
C ARG A 44 -1.63 20.07 20.41
N LEU A 45 -2.35 20.88 19.62
CA LEU A 45 -2.16 22.32 19.60
C LEU A 45 -3.49 22.90 20.09
N GLU A 46 -3.42 23.82 21.05
CA GLU A 46 -4.60 24.45 21.61
C GLU A 46 -5.60 24.93 20.58
N GLU A 47 -5.10 25.54 19.50
CA GLU A 47 -5.96 26.06 18.44
C GLU A 47 -6.89 25.00 17.84
N PHE A 48 -6.45 23.75 17.83
CA PHE A 48 -7.28 22.70 17.25
C PHE A 48 -8.65 22.63 17.92
N GLY A 49 -8.66 22.57 19.24
CA GLY A 49 -9.91 22.50 19.98
C GLY A 49 -10.83 23.70 19.80
N ARG A 50 -10.36 24.74 19.11
CA ARG A 50 -11.19 25.91 18.88
C ARG A 50 -11.95 25.78 17.58
N PHE A 51 -11.67 24.72 16.81
CA PHE A 51 -12.34 24.50 15.54
C PHE A 51 -13.05 23.15 15.47
N ALA A 52 -12.57 22.20 16.27
CA ALA A 52 -13.16 20.88 16.28
C ALA A 52 -13.38 20.33 17.67
N SER A 53 -14.25 19.32 17.75
CA SER A 53 -14.54 18.65 19.01
C SER A 53 -14.50 17.14 18.78
N PHE A 54 -14.38 16.41 19.87
CA PHE A 54 -14.38 14.96 19.80
C PHE A 54 -14.92 14.42 21.12
N GLU A 55 -15.95 13.59 21.04
CA GLU A 55 -16.55 13.01 22.24
C GLU A 55 -15.66 11.86 22.72
N ALA A 56 -14.89 12.14 23.76
CA ALA A 56 -13.95 11.17 24.34
C ALA A 56 -14.59 9.83 24.72
N GLN A 57 -15.85 9.84 25.09
CA GLN A 57 -16.53 8.61 25.47
C GLN A 57 -16.42 7.60 24.33
N GLY A 58 -16.44 8.10 23.10
CA GLY A 58 -16.31 7.21 21.95
C GLY A 58 -15.00 6.44 21.97
N ALA A 59 -13.92 7.11 22.36
CA ALA A 59 -12.61 6.47 22.44
C ALA A 59 -12.57 5.41 23.52
N LEU A 60 -13.10 5.76 24.68
CA LEU A 60 -13.12 4.86 25.83
C LEU A 60 -13.83 3.56 25.48
N ALA A 61 -14.94 3.66 24.73
CA ALA A 61 -15.70 2.48 24.35
C ALA A 61 -14.86 1.59 23.43
N ASN A 62 -14.17 2.23 22.48
CA ASN A 62 -13.31 1.49 21.54
C ASN A 62 -12.17 0.77 22.27
N ILE A 63 -11.62 1.42 23.27
CA ILE A 63 -10.51 0.83 24.00
C ILE A 63 -10.96 -0.39 24.81
N ALA A 64 -12.13 -0.31 25.44
CA ALA A 64 -12.65 -1.42 26.21
C ALA A 64 -12.86 -2.59 25.25
N VAL A 65 -13.29 -2.28 24.03
CA VAL A 65 -13.51 -3.31 23.04
C VAL A 65 -12.18 -3.89 22.57
N ASP A 66 -11.18 -3.02 22.39
CA ASP A 66 -9.87 -3.50 21.95
C ASP A 66 -9.31 -4.48 22.98
N LYS A 67 -9.49 -4.18 24.26
CA LYS A 67 -9.01 -5.06 25.31
C LYS A 67 -9.70 -6.43 25.20
N ALA A 68 -11.02 -6.41 25.06
CA ALA A 68 -11.78 -7.66 24.93
C ALA A 68 -11.30 -8.44 23.71
N ASN A 69 -11.09 -7.73 22.59
CA ASN A 69 -10.63 -8.37 21.37
C ASN A 69 -9.21 -8.94 21.50
N LEU A 70 -8.35 -8.23 22.22
CA LEU A 70 -6.97 -8.66 22.45
C LEU A 70 -6.96 -9.99 23.18
N GLU A 71 -7.80 -10.10 24.21
CA GLU A 71 -7.87 -11.33 24.98
C GLU A 71 -8.13 -12.54 24.09
N ILE A 72 -9.05 -12.38 23.15
CA ILE A 72 -9.38 -13.46 22.22
C ILE A 72 -8.21 -13.71 21.25
N MET A 73 -7.65 -12.63 20.70
CA MET A 73 -6.54 -12.76 19.78
C MET A 73 -5.31 -13.40 20.45
N THR A 74 -5.07 -13.04 21.70
CA THR A 74 -3.94 -13.61 22.42
C THR A 74 -4.07 -15.12 22.51
N LYS A 75 -5.25 -15.61 22.88
CA LYS A 75 -5.46 -17.05 22.97
C LYS A 75 -5.38 -17.68 21.58
N ARG A 76 -6.08 -17.08 20.62
CA ARG A 76 -6.08 -17.59 19.26
C ARG A 76 -4.67 -17.76 18.69
N SER A 77 -3.75 -16.88 19.09
CA SER A 77 -2.38 -16.93 18.58
C SER A 77 -1.53 -17.97 19.29
N ASN A 78 -2.12 -18.62 20.29
CA ASN A 78 -1.43 -19.63 21.08
C ASN A 78 -0.49 -18.91 22.04
N TYR A 79 -0.93 -17.74 22.48
CA TYR A 79 -0.18 -16.92 23.42
C TYR A 79 1.20 -16.48 22.97
N THR A 80 1.35 -16.12 21.70
CA THR A 80 2.65 -15.66 21.24
C THR A 80 2.78 -14.18 21.60
N PRO A 81 3.79 -13.84 22.42
CA PRO A 81 4.03 -12.47 22.85
C PRO A 81 4.72 -11.65 21.78
N ILE A 82 4.69 -10.33 21.96
CA ILE A 82 5.34 -9.45 21.00
C ILE A 82 6.85 -9.49 21.19
N THR A 83 7.59 -9.27 20.12
CA THR A 83 9.05 -9.25 20.18
C THR A 83 9.47 -7.80 20.48
N ASN A 84 10.28 -7.58 21.52
CA ASN A 84 10.73 -6.23 21.84
C ASN A 84 11.61 -5.67 20.75
N VAL A 85 11.29 -4.46 20.30
CA VAL A 85 12.10 -3.80 19.29
C VAL A 85 12.56 -2.54 20.02
N PRO A 86 13.86 -2.47 20.36
CA PRO A 86 14.47 -1.35 21.07
C PRO A 86 14.42 -0.04 20.28
N PRO A 87 14.29 1.10 20.97
CA PRO A 87 14.23 2.41 20.32
C PRO A 87 15.53 3.02 19.87
N GLU A 88 15.39 3.91 18.90
CA GLU A 88 16.48 4.70 18.35
C GLU A 88 16.23 6.01 19.08
N VAL A 89 17.27 6.61 19.66
CA VAL A 89 17.10 7.85 20.40
C VAL A 89 17.98 8.97 19.88
N THR A 90 17.39 10.15 19.68
CA THR A 90 18.13 11.29 19.20
C THR A 90 17.75 12.52 20.03
N VAL A 91 18.74 13.34 20.35
CA VAL A 91 18.48 14.55 21.11
C VAL A 91 18.83 15.74 20.25
N LEU A 92 17.89 16.68 20.15
CA LEU A 92 18.12 17.90 19.38
C LEU A 92 17.42 19.09 20.01
N THR A 93 17.77 20.27 19.52
CA THR A 93 17.20 21.50 20.03
C THR A 93 16.12 21.96 19.06
N ASN A 94 15.11 22.65 19.59
CA ASN A 94 14.01 23.17 18.77
C ASN A 94 14.58 24.11 17.71
N SER A 95 15.61 24.87 18.09
CA SER A 95 16.23 25.82 17.17
C SER A 95 17.67 26.11 17.58
N PRO A 96 18.46 26.71 16.66
CA PRO A 96 19.85 27.03 16.96
C PRO A 96 19.93 27.74 18.31
N VAL A 97 20.81 27.25 19.18
CA VAL A 97 20.97 27.80 20.51
C VAL A 97 21.80 29.06 20.55
N GLU A 98 21.54 29.86 21.57
CA GLU A 98 22.24 31.11 21.81
C GLU A 98 22.05 31.36 23.27
N LEU A 99 23.16 31.57 23.97
CA LEU A 99 23.14 31.81 25.39
C LEU A 99 22.03 32.78 25.81
N ARG A 100 21.35 32.44 26.90
CA ARG A 100 20.29 33.27 27.47
C ARG A 100 18.98 33.36 26.67
N GLU A 101 18.95 32.76 25.49
CA GLU A 101 17.76 32.77 24.64
C GLU A 101 16.97 31.47 25.00
N PRO A 102 15.72 31.62 25.53
CA PRO A 102 14.99 30.38 25.86
C PRO A 102 14.93 29.41 24.67
N ASN A 103 15.01 28.11 24.94
CA ASN A 103 14.98 27.10 23.87
C ASN A 103 14.38 25.81 24.42
N VAL A 104 14.26 24.80 23.57
CA VAL A 104 13.72 23.52 24.03
C VAL A 104 14.53 22.33 23.51
N LEU A 105 14.78 21.39 24.41
CA LEU A 105 15.51 20.17 24.08
C LEU A 105 14.48 19.13 23.70
N ILE A 106 14.72 18.43 22.60
CA ILE A 106 13.80 17.41 22.13
C ILE A 106 14.44 16.03 22.14
N CYS A 107 13.78 15.09 22.82
CA CYS A 107 14.26 13.72 22.85
C CYS A 107 13.31 12.92 21.98
N PHE A 108 13.82 12.45 20.85
CA PHE A 108 13.00 11.70 19.93
C PHE A 108 13.27 10.20 20.03
N ILE A 109 12.27 9.45 20.49
CA ILE A 109 12.39 8.00 20.64
C ILE A 109 11.65 7.37 19.45
N ASP A 110 12.37 6.61 18.64
CA ASP A 110 11.79 6.06 17.42
C ASP A 110 11.92 4.55 17.21
N LYS A 111 11.08 4.05 16.30
CA LYS A 111 11.05 2.64 15.87
C LYS A 111 11.12 1.59 16.97
N PHE A 112 10.20 1.64 17.93
CA PHE A 112 10.19 0.67 19.02
C PHE A 112 8.80 0.10 19.30
N THR A 113 8.79 -1.01 20.03
CA THR A 113 7.56 -1.67 20.46
C THR A 113 7.99 -2.71 21.49
N PRO A 114 7.14 -3.01 22.48
CA PRO A 114 5.79 -2.45 22.73
C PRO A 114 5.85 -1.00 23.18
N PRO A 115 4.69 -0.30 23.16
CA PRO A 115 4.59 1.10 23.56
C PRO A 115 4.65 1.37 25.06
N VAL A 116 5.80 1.08 25.64
CA VAL A 116 6.06 1.32 27.05
C VAL A 116 7.51 1.75 27.06
N VAL A 117 7.76 2.92 27.63
CA VAL A 117 9.12 3.43 27.67
C VAL A 117 9.27 4.41 28.82
N ASN A 118 10.43 4.40 29.46
CA ASN A 118 10.67 5.31 30.56
C ASN A 118 11.72 6.32 30.11
N VAL A 119 11.32 7.58 30.03
CA VAL A 119 12.23 8.64 29.60
C VAL A 119 12.45 9.64 30.72
N THR A 120 13.71 10.00 30.96
CA THR A 120 14.09 10.94 32.01
C THR A 120 15.03 11.99 31.43
N TRP A 121 14.98 13.20 31.98
CA TRP A 121 15.87 14.28 31.54
C TRP A 121 16.86 14.51 32.67
N LEU A 122 18.13 14.69 32.32
CA LEU A 122 19.16 14.93 33.32
C LEU A 122 19.94 16.22 33.02
N ARG A 123 20.11 17.04 34.05
CA ARG A 123 20.87 18.27 33.92
C ARG A 123 22.08 18.10 34.83
N ASN A 124 23.28 18.12 34.25
CA ASN A 124 24.52 17.91 35.00
C ASN A 124 24.41 16.68 35.91
N GLY A 125 23.80 15.62 35.41
CA GLY A 125 23.68 14.39 36.18
C GLY A 125 22.49 14.23 37.09
N LYS A 126 21.71 15.28 37.30
CA LYS A 126 20.55 15.20 38.16
C LYS A 126 19.24 15.33 37.39
N PRO A 127 18.27 14.45 37.70
CA PRO A 127 16.97 14.47 37.02
C PRO A 127 16.30 15.83 37.14
N VAL A 128 15.64 16.26 36.07
CA VAL A 128 14.93 17.52 36.07
C VAL A 128 13.56 17.28 35.45
N THR A 129 12.52 17.88 36.04
CA THR A 129 11.15 17.71 35.54
C THR A 129 10.41 19.02 35.36
N THR A 130 11.01 20.12 35.78
CA THR A 130 10.36 21.42 35.67
C THR A 130 10.08 21.85 34.23
N GLY A 131 8.80 21.98 33.91
CA GLY A 131 8.40 22.40 32.59
C GLY A 131 8.43 21.34 31.50
N VAL A 132 8.83 20.12 31.83
CA VAL A 132 8.90 19.08 30.81
C VAL A 132 7.51 18.67 30.36
N SER A 133 7.42 18.18 29.12
CA SER A 133 6.16 17.72 28.57
C SER A 133 6.50 16.57 27.62
N GLU A 134 5.50 15.83 27.18
CA GLU A 134 5.71 14.70 26.27
C GLU A 134 4.48 14.43 25.43
N THR A 135 4.65 13.64 24.38
CA THR A 135 3.54 13.26 23.52
C THR A 135 3.22 11.81 23.86
N VAL A 136 2.07 11.32 23.38
CA VAL A 136 1.74 9.92 23.61
C VAL A 136 2.47 9.12 22.54
N PHE A 137 2.23 7.82 22.45
CA PHE A 137 2.90 7.03 21.44
C PHE A 137 2.26 7.29 20.08
N LEU A 138 3.08 7.64 19.11
CA LEU A 138 2.61 7.94 17.76
C LEU A 138 2.85 6.71 16.89
N PRO A 139 1.91 6.41 15.98
CA PRO A 139 1.98 5.27 15.06
C PRO A 139 2.97 5.39 13.91
N ARG A 140 3.52 4.24 13.52
CA ARG A 140 4.46 4.17 12.41
C ARG A 140 3.85 3.18 11.42
N GLU A 141 4.13 3.36 10.13
CA GLU A 141 3.56 2.46 9.13
C GLU A 141 3.97 1.00 9.34
N ASP A 142 5.11 0.77 9.99
CA ASP A 142 5.56 -0.60 10.25
C ASP A 142 4.98 -1.11 11.57
N HIS A 143 4.06 -0.33 12.13
CA HIS A 143 3.36 -0.64 13.38
C HIS A 143 4.21 -0.57 14.65
N LEU A 144 5.36 0.08 14.54
CA LEU A 144 6.22 0.29 15.69
C LEU A 144 5.73 1.68 16.16
N PHE A 145 6.43 2.30 17.09
CA PHE A 145 6.00 3.60 17.59
C PHE A 145 7.09 4.66 17.65
N ARG A 146 6.65 5.90 17.76
CA ARG A 146 7.50 7.10 17.87
C ARG A 146 6.99 7.81 19.11
N LYS A 147 7.81 8.69 19.68
CA LYS A 147 7.42 9.45 20.87
C LYS A 147 8.36 10.66 21.02
N PHE A 148 7.85 11.76 21.55
CA PHE A 148 8.67 12.96 21.75
C PHE A 148 8.61 13.42 23.19
N HIS A 149 9.76 13.77 23.74
CA HIS A 149 9.84 14.30 25.09
C HIS A 149 10.49 15.67 24.92
N TYR A 150 10.07 16.64 25.72
CA TYR A 150 10.57 18.01 25.61
C TYR A 150 11.07 18.60 26.93
N LEU A 151 12.11 19.43 26.83
CA LEU A 151 12.67 20.08 27.99
C LEU A 151 13.02 21.54 27.70
N PRO A 152 12.17 22.47 28.15
CA PRO A 152 12.48 23.88 27.91
C PRO A 152 13.69 24.24 28.76
N PHE A 153 14.58 25.08 28.24
CA PHE A 153 15.75 25.44 29.02
C PHE A 153 16.39 26.74 28.58
N LEU A 154 17.24 27.26 29.47
CA LEU A 154 17.96 28.50 29.22
C LEU A 154 19.42 28.10 29.00
N PRO A 155 19.88 28.13 27.74
CA PRO A 155 21.24 27.77 27.34
C PRO A 155 22.31 28.27 28.30
N SER A 156 23.23 27.38 28.65
CA SER A 156 24.33 27.69 29.57
C SER A 156 25.56 26.89 29.13
N THR A 157 26.72 27.54 29.05
CA THR A 157 27.95 26.85 28.64
C THR A 157 28.46 25.92 29.73
N GLU A 158 27.79 25.91 30.88
CA GLU A 158 28.21 25.07 31.98
C GLU A 158 27.30 23.87 32.21
N ASP A 159 26.20 23.80 31.46
CA ASP A 159 25.27 22.70 31.62
C ASP A 159 25.41 21.61 30.56
N VAL A 160 25.23 20.37 31.01
CA VAL A 160 25.28 19.19 30.18
C VAL A 160 23.98 18.42 30.43
N TYR A 161 23.22 18.17 29.37
CA TYR A 161 21.95 17.46 29.51
C TYR A 161 21.97 16.05 28.92
N ASP A 162 21.19 15.16 29.52
CA ASP A 162 21.05 13.81 29.01
C ASP A 162 19.58 13.45 28.87
N CYS A 163 19.27 12.65 27.85
CA CYS A 163 17.92 12.12 27.72
C CYS A 163 18.21 10.65 28.04
N ARG A 164 17.57 10.12 29.07
CA ARG A 164 17.79 8.72 29.48
C ARG A 164 16.57 7.90 29.06
N VAL A 165 16.80 6.84 28.29
CA VAL A 165 15.68 6.03 27.82
C VAL A 165 15.77 4.55 28.23
N GLU A 166 14.68 4.05 28.78
CA GLU A 166 14.58 2.66 29.21
C GLU A 166 13.52 1.95 28.39
N HIS A 167 13.83 0.73 27.94
CA HIS A 167 12.92 -0.08 27.15
C HIS A 167 13.34 -1.55 27.27
N TRP A 168 12.35 -2.42 27.38
CA TRP A 168 12.62 -3.85 27.55
C TRP A 168 13.48 -4.45 26.45
N GLY A 169 13.52 -3.78 25.30
CA GLY A 169 14.33 -4.30 24.20
C GLY A 169 15.81 -3.91 24.31
N LEU A 170 16.13 -3.06 25.29
CA LEU A 170 17.50 -2.61 25.49
C LEU A 170 18.28 -3.42 26.52
N ASP A 171 19.54 -3.70 26.25
CA ASP A 171 20.36 -4.46 27.20
C ASP A 171 20.61 -3.59 28.41
N GLU A 172 20.74 -2.29 28.18
CA GLU A 172 20.97 -1.30 29.24
C GLU A 172 20.22 -0.02 28.91
N PRO A 173 19.92 0.80 29.95
CA PRO A 173 19.21 2.05 29.71
C PRO A 173 20.15 2.83 28.79
N LEU A 174 19.59 3.72 27.97
CA LEU A 174 20.38 4.50 27.04
C LEU A 174 20.48 5.97 27.46
N LEU A 175 21.60 6.60 27.13
CA LEU A 175 21.81 8.01 27.43
C LEU A 175 22.25 8.73 26.15
N LYS A 176 21.59 9.85 25.85
CA LYS A 176 21.92 10.67 24.69
C LYS A 176 22.24 12.05 25.24
N HIS A 177 23.50 12.44 25.04
CA HIS A 177 24.10 13.68 25.53
C HIS A 177 23.91 14.91 24.64
N TRP A 178 23.78 16.07 25.28
CA TRP A 178 23.69 17.36 24.57
C TRP A 178 24.20 18.45 25.50
N GLU A 179 25.00 19.36 24.98
CA GLU A 179 25.53 20.45 25.80
C GLU A 179 25.85 21.63 24.90
N PHE A 180 25.79 22.84 25.44
CA PHE A 180 26.09 23.98 24.59
C PHE A 180 27.48 23.84 24.02
N ASP A 181 27.50 23.82 22.70
CA ASP A 181 28.68 23.69 21.88
C ASP A 181 27.99 23.34 20.57
N GLY B 1 12.55 -4.44 35.71
CA GLY B 1 12.86 -5.90 35.86
C GLY B 1 11.67 -6.76 35.51
N ASP B 2 10.70 -6.15 34.83
CA ASP B 2 9.48 -6.84 34.42
C ASP B 2 9.74 -7.49 33.07
N THR B 3 9.91 -8.81 33.08
CA THR B 3 10.18 -9.55 31.86
C THR B 3 8.98 -10.37 31.39
N ARG B 4 7.81 -10.06 31.92
CA ARG B 4 6.61 -10.78 31.50
C ARG B 4 6.30 -10.50 30.03
N PRO B 5 5.75 -11.50 29.33
CA PRO B 5 5.40 -11.36 27.91
C PRO B 5 4.34 -10.29 27.70
N ARG B 6 4.48 -9.47 26.65
CA ARG B 6 3.46 -8.47 26.37
C ARG B 6 2.61 -8.94 25.20
N PHE B 7 1.36 -8.49 25.17
CA PHE B 7 0.42 -8.82 24.12
C PHE B 7 -0.22 -7.51 23.71
N LEU B 8 -0.02 -7.14 22.46
CA LEU B 8 -0.52 -5.87 21.96
C LEU B 8 -1.56 -5.93 20.85
N GLN B 9 -2.60 -5.14 21.03
CA GLN B 9 -3.69 -5.05 20.07
C GLN B 9 -3.71 -3.64 19.50
N GLN B 10 -3.65 -3.52 18.17
CA GLN B 10 -3.74 -2.23 17.50
C GLN B 10 -4.80 -2.26 16.40
N ASP B 11 -5.45 -1.12 16.23
CA ASP B 11 -6.47 -0.94 15.21
C ASP B 11 -6.26 0.44 14.63
N LYS B 12 -6.10 0.50 13.32
CA LYS B 12 -5.90 1.77 12.65
C LYS B 12 -6.93 1.98 11.57
N TYR B 13 -7.65 3.09 11.67
CA TYR B 13 -8.65 3.43 10.68
C TYR B 13 -8.04 4.55 9.85
N GLU B 14 -7.65 4.20 8.63
CA GLU B 14 -7.00 5.14 7.73
C GLU B 14 -7.87 5.72 6.63
N CYS B 15 -7.67 7.02 6.41
CA CYS B 15 -8.37 7.74 5.38
C CYS B 15 -7.30 8.41 4.52
N HIS B 16 -7.22 7.99 3.27
CA HIS B 16 -6.23 8.55 2.34
C HIS B 16 -6.98 9.42 1.34
N PHE B 17 -6.58 10.70 1.28
CA PHE B 17 -7.21 11.67 0.39
C PHE B 17 -6.32 12.05 -0.78
N PHE B 18 -6.90 12.05 -1.98
CA PHE B 18 -6.16 12.41 -3.19
C PHE B 18 -6.88 13.59 -3.88
N ASN B 19 -6.13 14.66 -4.15
CA ASN B 19 -6.69 15.85 -4.80
C ASN B 19 -7.97 16.25 -4.05
N GLY B 20 -7.79 16.89 -2.88
CA GLY B 20 -8.93 17.27 -2.07
C GLY B 20 -9.54 15.96 -1.59
N THR B 21 -10.84 15.81 -1.76
CA THR B 21 -11.52 14.58 -1.35
C THR B 21 -12.08 13.92 -2.60
N GLU B 22 -11.49 14.27 -3.76
CA GLU B 22 -11.92 13.74 -5.05
C GLU B 22 -11.90 12.22 -4.99
N ARG B 23 -10.81 11.68 -4.50
CA ARG B 23 -10.66 10.24 -4.37
C ARG B 23 -10.25 9.95 -2.94
N VAL B 24 -11.01 9.08 -2.29
CA VAL B 24 -10.74 8.72 -0.89
C VAL B 24 -10.68 7.21 -0.74
N ARG B 25 -9.71 6.72 0.02
CA ARG B 25 -9.58 5.30 0.26
C ARG B 25 -9.59 5.06 1.76
N PHE B 26 -10.58 4.29 2.21
CA PHE B 26 -10.73 3.96 3.63
C PHE B 26 -10.09 2.62 3.91
N LEU B 27 -9.40 2.52 5.03
CA LEU B 27 -8.73 1.27 5.37
C LEU B 27 -8.79 0.99 6.86
N HIS B 28 -9.21 -0.22 7.21
CA HIS B 28 -9.24 -0.66 8.60
C HIS B 28 -8.14 -1.72 8.70
N ARG B 29 -7.14 -1.47 9.52
CA ARG B 29 -6.06 -2.44 9.70
C ARG B 29 -6.11 -2.93 11.14
N ASP B 30 -6.14 -4.24 11.35
CA ASP B 30 -6.12 -4.78 12.70
C ASP B 30 -4.74 -5.41 12.83
N ILE B 31 -4.02 -5.04 13.89
CA ILE B 31 -2.67 -5.53 14.08
C ILE B 31 -2.48 -6.21 15.42
N TYR B 32 -1.97 -7.44 15.39
CA TYR B 32 -1.70 -8.18 16.63
C TYR B 32 -0.18 -8.12 16.84
N ASN B 33 0.24 -7.53 17.96
CA ASN B 33 1.66 -7.33 18.26
C ASN B 33 2.24 -6.48 17.14
N GLN B 34 2.97 -7.08 16.19
CA GLN B 34 3.48 -6.26 15.09
C GLN B 34 3.01 -6.74 13.71
N GLU B 35 2.10 -7.70 13.68
CA GLU B 35 1.62 -8.21 12.39
C GLU B 35 0.18 -7.82 12.11
N GLU B 36 -0.05 -7.17 10.96
CA GLU B 36 -1.40 -6.82 10.55
C GLU B 36 -2.03 -8.16 10.17
N ASP B 37 -3.14 -8.52 10.79
CA ASP B 37 -3.76 -9.81 10.50
C ASP B 37 -5.08 -9.74 9.73
N LEU B 38 -5.73 -8.59 9.79
CA LEU B 38 -7.02 -8.41 9.12
C LEU B 38 -7.09 -7.01 8.54
N ARG B 39 -7.73 -6.89 7.38
CA ARG B 39 -7.84 -5.61 6.71
C ARG B 39 -9.13 -5.41 5.92
N PHE B 40 -9.66 -4.19 5.96
CA PHE B 40 -10.81 -3.85 5.15
C PHE B 40 -10.33 -2.69 4.30
N ASP B 41 -10.27 -2.92 2.99
CA ASP B 41 -9.85 -1.90 2.05
C ASP B 41 -11.12 -1.44 1.33
N SER B 42 -11.42 -0.14 1.38
CA SER B 42 -12.62 0.36 0.72
C SER B 42 -12.66 0.02 -0.77
N ASP B 43 -11.48 -0.21 -1.36
CA ASP B 43 -11.41 -0.57 -2.77
C ASP B 43 -11.81 -2.02 -3.02
N VAL B 44 -11.77 -2.85 -1.98
CA VAL B 44 -12.13 -4.25 -2.12
C VAL B 44 -13.61 -4.50 -1.78
N GLY B 45 -14.11 -3.78 -0.79
CA GLY B 45 -15.51 -3.93 -0.41
C GLY B 45 -15.78 -4.88 0.72
N GLU B 46 -14.77 -5.65 1.13
CA GLU B 46 -14.96 -6.60 2.22
C GLU B 46 -13.68 -6.92 2.98
N TYR B 47 -13.85 -7.50 4.16
CA TYR B 47 -12.72 -7.87 4.99
C TYR B 47 -12.01 -9.09 4.41
N ARG B 48 -10.69 -9.09 4.58
CA ARG B 48 -9.87 -10.18 4.10
C ARG B 48 -8.70 -10.34 5.05
N ALA B 49 -8.41 -11.58 5.40
CA ALA B 49 -7.32 -11.89 6.31
C ALA B 49 -5.97 -11.76 5.64
N VAL B 50 -5.07 -11.03 6.28
CA VAL B 50 -3.72 -10.84 5.75
C VAL B 50 -2.85 -11.98 6.27
N THR B 51 -3.18 -12.46 7.47
CA THR B 51 -2.47 -13.61 8.07
C THR B 51 -3.55 -14.55 8.59
N GLU B 52 -3.16 -15.78 8.92
CA GLU B 52 -4.11 -16.75 9.43
C GLU B 52 -4.91 -16.30 10.64
N LEU B 53 -4.27 -15.53 11.50
CA LEU B 53 -4.90 -15.05 12.72
C LEU B 53 -6.17 -14.23 12.47
N GLY B 54 -6.25 -13.60 11.31
CA GLY B 54 -7.41 -12.79 11.00
C GLY B 54 -8.49 -13.53 10.23
N ARG B 55 -8.18 -14.75 9.78
CA ARG B 55 -9.12 -15.54 9.00
C ARG B 55 -10.51 -15.68 9.65
N PRO B 56 -10.57 -16.10 10.92
CA PRO B 56 -11.89 -16.23 11.55
C PRO B 56 -12.69 -14.93 11.53
N ASP B 57 -12.01 -13.82 11.79
CA ASP B 57 -12.69 -12.53 11.82
C ASP B 57 -13.18 -12.08 10.45
N ALA B 58 -12.34 -12.23 9.44
CA ALA B 58 -12.73 -11.83 8.09
C ALA B 58 -14.01 -12.53 7.65
N GLU B 59 -14.09 -13.82 7.93
CA GLU B 59 -15.25 -14.61 7.56
C GLU B 59 -16.49 -14.13 8.28
N TYR B 60 -16.35 -13.81 9.57
CA TYR B 60 -17.49 -13.36 10.35
C TYR B 60 -18.02 -12.00 9.95
N TRP B 61 -17.15 -10.99 9.90
CA TRP B 61 -17.56 -9.63 9.55
C TRP B 61 -18.19 -9.53 8.17
N ASN B 62 -17.65 -10.27 7.22
CA ASN B 62 -18.20 -10.22 5.87
C ASN B 62 -19.63 -10.77 5.85
N SER B 63 -19.90 -11.76 6.70
CA SER B 63 -21.23 -12.35 6.76
C SER B 63 -22.22 -11.43 7.47
N GLN B 64 -21.76 -10.24 7.83
CA GLN B 64 -22.63 -9.28 8.52
C GLN B 64 -23.00 -8.14 7.56
N LYS B 65 -23.98 -8.41 6.72
CA LYS B 65 -24.47 -7.45 5.73
C LYS B 65 -24.58 -6.03 6.24
N ASP B 66 -25.35 -5.82 7.30
CA ASP B 66 -25.52 -4.48 7.86
C ASP B 66 -24.15 -3.84 8.14
N PHE B 67 -23.35 -4.51 8.96
CA PHE B 67 -22.02 -4.04 9.31
C PHE B 67 -21.20 -3.74 8.07
N LEU B 68 -21.15 -4.71 7.16
CA LEU B 68 -20.39 -4.57 5.94
C LEU B 68 -20.82 -3.35 5.14
N GLU B 69 -22.10 -3.01 5.18
CA GLU B 69 -22.60 -1.85 4.44
C GLU B 69 -22.12 -0.57 5.11
N ASP B 70 -22.09 -0.57 6.44
CA ASP B 70 -21.63 0.60 7.18
C ASP B 70 -20.17 0.91 6.83
N ARG B 71 -19.33 -0.12 6.82
CA ARG B 71 -17.91 0.04 6.49
C ARG B 71 -17.71 0.50 5.05
N ARG B 72 -18.67 0.18 4.20
CA ARG B 72 -18.58 0.58 2.80
C ARG B 72 -18.90 2.06 2.64
N ALA B 73 -19.58 2.64 3.63
CA ALA B 73 -19.95 4.06 3.58
C ALA B 73 -18.94 4.93 4.34
N ALA B 74 -17.96 4.30 4.98
CA ALA B 74 -16.97 5.03 5.76
C ALA B 74 -16.28 6.14 4.95
N VAL B 75 -15.89 5.85 3.72
CA VAL B 75 -15.24 6.87 2.89
C VAL B 75 -15.99 8.19 2.93
N ASP B 76 -17.30 8.12 3.10
CA ASP B 76 -18.13 9.33 3.14
C ASP B 76 -18.48 9.78 4.55
N THR B 77 -19.10 8.89 5.31
CA THR B 77 -19.53 9.17 6.68
C THR B 77 -18.39 9.41 7.67
N TYR B 78 -17.24 8.84 7.37
CA TYR B 78 -16.09 8.95 8.26
C TYR B 78 -14.98 9.81 7.67
N CYS B 79 -14.42 9.34 6.57
CA CYS B 79 -13.33 10.05 5.91
C CYS B 79 -13.61 11.48 5.43
N ARG B 80 -14.60 11.66 4.55
CA ARG B 80 -14.88 13.02 4.07
C ARG B 80 -15.37 13.92 5.20
N HIS B 81 -16.15 13.37 6.11
CA HIS B 81 -16.66 14.16 7.22
C HIS B 81 -15.53 14.77 8.03
N ASN B 82 -14.63 13.91 8.51
CA ASN B 82 -13.49 14.36 9.30
C ASN B 82 -12.59 15.29 8.51
N TYR B 83 -12.38 14.97 7.24
CA TYR B 83 -11.55 15.84 6.40
C TYR B 83 -12.17 17.22 6.35
N GLY B 84 -13.51 17.27 6.25
CA GLY B 84 -14.18 18.54 6.21
C GLY B 84 -14.01 19.30 7.51
N VAL B 85 -14.10 18.58 8.63
CA VAL B 85 -13.95 19.18 9.95
C VAL B 85 -12.54 19.69 10.23
N GLY B 86 -11.54 18.91 9.82
CA GLY B 86 -10.16 19.31 10.09
C GLY B 86 -9.39 20.08 9.03
N GLU B 87 -9.92 20.12 7.81
CA GLU B 87 -9.24 20.81 6.72
C GLU B 87 -8.63 22.17 7.06
N SER B 88 -9.42 23.04 7.68
CA SER B 88 -8.97 24.38 8.00
C SER B 88 -7.64 24.49 8.74
N PHE B 89 -7.39 23.63 9.72
CA PHE B 89 -6.14 23.70 10.49
C PHE B 89 -5.17 22.55 10.28
N THR B 90 -5.35 21.79 9.21
CA THR B 90 -4.44 20.68 8.90
C THR B 90 -4.04 20.81 7.44
N VAL B 91 -4.96 20.50 6.54
CA VAL B 91 -4.70 20.60 5.12
C VAL B 91 -4.25 22.03 4.74
N GLN B 92 -4.83 23.02 5.41
CA GLN B 92 -4.52 24.42 5.13
C GLN B 92 -3.45 25.04 6.02
N ARG B 93 -2.89 24.27 6.94
CA ARG B 93 -1.88 24.80 7.84
C ARG B 93 -0.61 25.20 7.08
N ARG B 94 -0.09 26.38 7.41
CA ARG B 94 1.12 26.89 6.78
C ARG B 94 1.89 27.83 7.68
N VAL B 95 3.10 27.42 8.01
CA VAL B 95 3.98 28.20 8.87
C VAL B 95 5.33 28.43 8.19
N GLU B 96 5.62 29.71 7.96
CA GLU B 96 6.86 30.14 7.30
C GLU B 96 8.12 29.75 8.09
N PRO B 97 9.15 29.26 7.37
CA PRO B 97 10.44 28.85 7.96
C PRO B 97 11.24 30.06 8.45
N LYS B 98 11.99 29.86 9.52
CA LYS B 98 12.84 30.93 10.03
C LYS B 98 14.23 30.49 9.58
N VAL B 99 14.85 31.26 8.69
CA VAL B 99 16.17 30.91 8.17
C VAL B 99 17.30 31.71 8.81
N THR B 100 18.35 31.00 9.23
CA THR B 100 19.51 31.64 9.84
C THR B 100 20.76 30.92 9.35
N VAL B 101 21.82 31.68 9.08
CA VAL B 101 23.08 31.11 8.61
C VAL B 101 24.21 31.40 9.58
N TYR B 102 25.06 30.40 9.82
CA TYR B 102 26.18 30.53 10.73
C TYR B 102 27.15 29.37 10.58
N PRO B 103 28.43 29.57 10.94
CA PRO B 103 29.43 28.51 10.84
C PRO B 103 29.29 27.51 11.99
N ALA B 104 29.46 26.23 11.69
CA ALA B 104 29.34 25.19 12.69
C ALA B 104 30.18 25.53 13.92
N ARG B 105 29.65 25.24 15.10
CA ARG B 105 30.35 25.55 16.34
C ARG B 105 31.46 24.54 16.65
N THR B 106 31.55 23.49 15.84
CA THR B 106 32.57 22.46 16.00
C THR B 106 33.14 22.15 14.62
N GLN B 107 34.46 22.24 14.49
CA GLN B 107 35.11 21.98 13.21
C GLN B 107 36.26 20.98 13.23
N THR B 108 36.31 20.16 12.19
CA THR B 108 37.37 19.19 11.98
C THR B 108 37.85 19.63 10.62
N LEU B 109 39.17 19.73 10.46
CA LEU B 109 39.78 20.24 9.21
C LEU B 109 39.75 21.75 9.48
N GLN B 110 40.92 22.39 9.53
CA GLN B 110 40.99 23.82 9.83
C GLN B 110 41.60 24.75 8.79
N HIS B 111 40.88 24.95 7.70
CA HIS B 111 41.30 25.84 6.62
C HIS B 111 40.05 25.93 5.77
N HIS B 112 39.18 24.95 5.99
CA HIS B 112 37.89 24.87 5.32
C HIS B 112 36.95 25.59 6.31
N ASN B 113 35.70 25.77 5.92
CA ASN B 113 34.75 26.42 6.80
C ASN B 113 33.36 25.82 6.62
N LEU B 114 32.84 25.24 7.68
CA LEU B 114 31.53 24.61 7.61
C LEU B 114 30.42 25.61 7.93
N LEU B 115 29.68 25.99 6.88
CA LEU B 115 28.58 26.92 7.03
C LEU B 115 27.30 26.14 7.23
N VAL B 116 26.46 26.62 8.15
CA VAL B 116 25.20 25.96 8.46
C VAL B 116 24.01 26.85 8.12
N CYS B 117 23.07 26.30 7.35
CA CYS B 117 21.86 27.04 7.03
C CYS B 117 20.74 26.31 7.77
N SER B 118 20.22 26.94 8.81
CA SER B 118 19.17 26.33 9.62
C SER B 118 17.80 26.87 9.21
N VAL B 119 16.90 25.96 8.86
CA VAL B 119 15.54 26.32 8.46
C VAL B 119 14.63 25.77 9.55
N ASN B 120 14.13 26.65 10.42
CA ASN B 120 13.31 26.22 11.54
C ASN B 120 11.84 26.59 11.60
N GLY B 121 11.09 25.71 12.25
CA GLY B 121 9.67 25.88 12.49
C GLY B 121 8.72 25.97 11.32
N PHE B 122 8.99 25.28 10.22
CA PHE B 122 8.10 25.36 9.08
C PHE B 122 7.08 24.22 8.98
N TYR B 123 6.10 24.42 8.09
CA TYR B 123 5.03 23.46 7.82
C TYR B 123 4.25 23.95 6.59
N PRO B 124 3.94 23.05 5.63
CA PRO B 124 4.21 21.60 5.61
C PRO B 124 5.71 21.27 5.50
N GLY B 125 5.99 19.96 5.52
CA GLY B 125 7.35 19.47 5.44
C GLY B 125 8.05 19.72 4.12
N SER B 126 7.28 19.81 3.04
CA SER B 126 7.83 20.07 1.71
C SER B 126 8.65 21.36 1.68
N ILE B 127 9.93 21.25 1.33
CA ILE B 127 10.81 22.42 1.30
C ILE B 127 12.03 22.20 0.41
N GLU B 128 12.62 23.28 -0.07
CA GLU B 128 13.83 23.25 -0.91
C GLU B 128 14.86 24.22 -0.38
N VAL B 129 16.00 23.71 0.03
CA VAL B 129 17.07 24.56 0.54
C VAL B 129 18.30 24.42 -0.33
N ARG B 130 18.78 25.56 -0.86
CA ARG B 130 19.94 25.56 -1.75
C ARG B 130 20.97 26.63 -1.41
N TRP B 131 22.24 26.33 -1.71
CA TRP B 131 23.33 27.27 -1.46
C TRP B 131 23.79 27.94 -2.75
N PHE B 132 24.22 29.20 -2.65
CA PHE B 132 24.70 29.93 -3.82
C PHE B 132 25.95 30.76 -3.53
N ARG B 133 27.03 30.42 -4.21
CA ARG B 133 28.30 31.12 -4.07
C ARG B 133 28.27 32.33 -5.02
N ASN B 134 27.60 33.40 -4.56
CA ASN B 134 27.42 34.66 -5.30
C ASN B 134 26.27 34.61 -6.32
N SER B 135 26.17 33.51 -7.07
CA SER B 135 25.12 33.32 -8.07
C SER B 135 25.40 32.00 -8.79
N GLN B 136 25.87 31.04 -8.02
CA GLN B 136 26.20 29.71 -8.54
C GLN B 136 25.91 28.67 -7.47
N GLU B 137 24.80 27.97 -7.60
CA GLU B 137 24.39 26.95 -6.64
C GLU B 137 25.50 25.93 -6.37
N GLU B 138 26.06 26.00 -5.17
CA GLU B 138 27.11 25.07 -4.78
C GLU B 138 26.49 23.69 -4.52
N LYS B 139 26.04 23.05 -5.60
CA LYS B 139 25.42 21.74 -5.50
C LYS B 139 26.37 20.69 -4.91
N ALA B 140 27.64 21.07 -4.75
CA ALA B 140 28.64 20.15 -4.20
C ALA B 140 29.07 20.59 -2.81
N GLY B 141 29.54 19.63 -2.02
CA GLY B 141 29.97 19.93 -0.66
C GLY B 141 28.82 20.39 0.22
N VAL B 142 27.63 19.84 -0.04
CA VAL B 142 26.43 20.18 0.72
C VAL B 142 25.81 18.94 1.36
N VAL B 143 25.69 18.96 2.69
CA VAL B 143 25.11 17.85 3.41
C VAL B 143 23.90 18.34 4.20
N SER B 144 22.83 17.55 4.20
CA SER B 144 21.63 17.93 4.93
C SER B 144 21.19 16.85 5.90
N THR B 145 20.50 17.30 6.95
CA THR B 145 19.99 16.40 7.97
C THR B 145 18.70 15.79 7.43
N GLY B 146 18.19 16.36 6.35
CA GLY B 146 16.95 15.87 5.79
C GLY B 146 15.83 16.48 6.61
N LEU B 147 14.59 16.11 6.30
CA LEU B 147 13.44 16.65 7.02
C LEU B 147 13.35 16.06 8.42
N ILE B 148 13.23 16.94 9.41
CA ILE B 148 13.12 16.51 10.80
C ILE B 148 11.84 17.02 11.47
N GLN B 149 11.08 16.10 12.06
CA GLN B 149 9.83 16.48 12.75
C GLN B 149 10.11 16.86 14.18
N ASN B 150 9.50 17.95 14.64
CA ASN B 150 9.68 18.39 16.02
C ASN B 150 8.58 17.82 16.90
N GLY B 151 7.56 17.23 16.27
CA GLY B 151 6.45 16.64 16.99
C GLY B 151 5.35 17.63 17.37
N ASP B 152 5.52 18.90 16.99
CA ASP B 152 4.54 19.93 17.32
C ASP B 152 3.99 20.62 16.07
N TRP B 153 3.94 19.89 14.97
CA TRP B 153 3.44 20.42 13.71
C TRP B 153 4.37 21.45 13.07
N THR B 154 5.65 21.30 13.34
CA THR B 154 6.67 22.17 12.75
C THR B 154 7.85 21.25 12.43
N PHE B 155 8.55 21.58 11.35
CA PHE B 155 9.70 20.81 10.92
C PHE B 155 10.92 21.72 11.00
N GLN B 156 12.09 21.10 10.85
CA GLN B 156 13.34 21.83 10.82
C GLN B 156 14.30 21.01 9.99
N THR B 157 15.30 21.66 9.43
CA THR B 157 16.28 20.99 8.60
C THR B 157 17.51 21.86 8.50
N LEU B 158 18.68 21.25 8.63
CA LEU B 158 19.93 21.99 8.52
C LEU B 158 20.69 21.51 7.29
N VAL B 159 21.14 22.46 6.47
CA VAL B 159 21.89 22.15 5.26
C VAL B 159 23.28 22.77 5.38
N MET B 160 24.27 21.93 5.65
CA MET B 160 25.65 22.37 5.82
C MET B 160 26.39 22.47 4.49
N LEU B 161 27.32 23.41 4.40
CA LEU B 161 28.12 23.62 3.20
C LEU B 161 29.60 23.75 3.57
N GLU B 162 30.44 22.87 3.03
CA GLU B 162 31.87 22.92 3.31
C GLU B 162 32.47 23.97 2.38
N THR B 163 33.13 24.98 2.94
CA THR B 163 33.71 26.04 2.12
C THR B 163 35.13 26.43 2.52
N VAL B 164 35.67 27.40 1.81
CA VAL B 164 37.00 27.91 2.07
C VAL B 164 36.95 29.44 2.04
N PRO B 165 36.96 30.07 3.23
CA PRO B 165 36.90 31.52 3.42
C PRO B 165 37.82 32.34 2.51
N ARG B 166 37.24 32.95 1.49
CA ARG B 166 38.00 33.77 0.57
C ARG B 166 37.41 35.17 0.54
N SER B 167 38.27 36.18 0.58
CA SER B 167 37.83 37.57 0.56
C SER B 167 37.00 37.84 -0.69
N GLY B 168 35.88 38.55 -0.51
CA GLY B 168 35.02 38.90 -1.63
C GLY B 168 33.85 37.99 -1.90
N GLU B 169 33.84 36.81 -1.28
CA GLU B 169 32.77 35.85 -1.47
C GLU B 169 31.52 36.16 -0.64
N VAL B 170 30.36 35.92 -1.24
CA VAL B 170 29.07 36.15 -0.58
C VAL B 170 28.13 34.96 -0.74
N TYR B 171 28.22 34.01 0.17
CA TYR B 171 27.36 32.82 0.12
C TYR B 171 25.93 33.19 0.48
N THR B 172 24.98 32.52 -0.18
CA THR B 172 23.57 32.79 0.08
C THR B 172 22.74 31.51 0.17
N CYS B 173 21.97 31.38 1.25
CA CYS B 173 21.11 30.22 1.42
C CYS B 173 19.72 30.59 0.92
N GLN B 174 19.23 29.86 -0.08
CA GLN B 174 17.92 30.14 -0.66
C GLN B 174 16.92 29.05 -0.26
N VAL B 175 15.77 29.47 0.29
CA VAL B 175 14.75 28.54 0.74
C VAL B 175 13.38 28.74 0.07
N GLU B 176 12.85 27.66 -0.47
CA GLU B 176 11.54 27.70 -1.12
C GLU B 176 10.59 26.84 -0.31
N HIS B 177 9.45 27.43 0.07
CA HIS B 177 8.45 26.75 0.87
C HIS B 177 7.07 27.28 0.47
N PRO B 178 6.07 26.40 0.46
CA PRO B 178 4.72 26.82 0.09
C PRO B 178 4.13 27.99 0.88
N SER B 179 4.74 28.31 2.02
CA SER B 179 4.26 29.42 2.85
C SER B 179 4.66 30.80 2.30
N VAL B 180 5.60 30.81 1.37
CA VAL B 180 6.07 32.07 0.79
C VAL B 180 5.93 32.09 -0.72
N THR B 181 5.55 33.25 -1.24
CA THR B 181 5.36 33.45 -2.68
C THR B 181 6.69 33.52 -3.42
N SER B 182 7.72 34.02 -2.75
CA SER B 182 9.06 34.11 -3.33
C SER B 182 10.02 33.47 -2.35
N PRO B 183 11.13 32.91 -2.85
CA PRO B 183 12.10 32.26 -1.97
C PRO B 183 12.76 33.18 -0.95
N LEU B 184 13.02 32.63 0.24
CA LEU B 184 13.67 33.38 1.30
C LEU B 184 15.16 33.23 1.06
N THR B 185 15.92 34.29 1.30
CA THR B 185 17.36 34.23 1.10
C THR B 185 18.10 34.84 2.27
N VAL B 186 19.25 34.26 2.60
CA VAL B 186 20.06 34.75 3.70
C VAL B 186 21.52 34.69 3.28
N GLU B 187 22.16 35.85 3.25
CA GLU B 187 23.57 35.94 2.87
C GLU B 187 24.47 35.82 4.08
N TRP B 188 25.73 35.47 3.82
CA TRP B 188 26.70 35.34 4.89
C TRP B 188 27.92 36.21 4.60
N ARG B 189 28.09 37.27 5.39
CA ARG B 189 29.22 38.17 5.23
C ARG B 189 30.50 37.44 5.64
N ALA B 190 31.31 37.06 4.65
CA ALA B 190 32.56 36.34 4.88
C ALA B 190 33.66 37.19 5.53
N ASN C 1 -27.73 28.47 18.93
CA ASN C 1 -27.29 27.33 18.07
C ASN C 1 -25.96 27.63 17.39
N PRO C 2 -24.89 27.80 18.19
CA PRO C 2 -23.54 28.09 17.69
C PRO C 2 -23.02 27.05 16.70
N VAL C 3 -23.39 25.78 16.91
CA VAL C 3 -22.98 24.67 16.05
C VAL C 3 -21.55 24.19 16.37
N VAL C 4 -21.43 22.90 16.68
CA VAL C 4 -20.13 22.31 17.00
C VAL C 4 -19.77 21.23 15.99
N HIS C 5 -18.52 21.26 15.51
CA HIS C 5 -18.07 20.27 14.54
C HIS C 5 -17.22 19.18 15.19
N PHE C 6 -17.75 17.96 15.19
CA PHE C 6 -17.07 16.82 15.81
C PHE C 6 -16.34 15.90 14.86
N PHE C 7 -15.15 15.47 15.26
CA PHE C 7 -14.44 14.47 14.45
C PHE C 7 -15.23 13.20 14.81
N LYS C 8 -15.40 12.30 13.86
CA LYS C 8 -16.12 11.06 14.12
C LYS C 8 -15.12 9.92 14.21
N ASN C 9 -15.37 8.97 15.11
CA ASN C 9 -14.48 7.84 15.24
C ASN C 9 -15.19 6.58 14.74
N ILE C 10 -14.44 5.69 14.11
CA ILE C 10 -15.04 4.44 13.67
C ILE C 10 -15.27 3.66 14.95
N VAL C 11 -16.41 3.00 15.07
CA VAL C 11 -16.71 2.22 16.26
C VAL C 11 -16.24 0.80 16.02
N THR C 12 -15.37 0.32 16.89
CA THR C 12 -14.84 -1.03 16.77
C THR C 12 -15.79 -1.99 17.48
N PRO C 13 -16.26 -3.03 16.76
CA PRO C 13 -17.17 -4.01 17.34
C PRO C 13 -16.44 -5.13 18.06
N ARG C 14 -17.15 -5.78 18.98
CA ARG C 14 -16.56 -6.88 19.73
C ARG C 14 -16.41 -8.14 18.89
N THR C 15 -15.25 -8.77 19.00
CA THR C 15 -14.97 -10.01 18.28
C THR C 15 -15.81 -11.10 18.94
N PRO C 16 -16.51 -11.92 18.14
CA PRO C 16 -17.33 -12.99 18.72
C PRO C 16 -16.47 -14.07 19.39
N PRO C 17 -17.02 -14.76 20.40
CA PRO C 17 -16.26 -15.81 21.06
C PRO C 17 -16.07 -16.97 20.08
N PRO C 18 -14.94 -17.69 20.17
CA PRO C 18 -14.65 -18.81 19.29
C PRO C 18 -15.70 -19.92 19.35
N SER C 19 -16.40 -20.01 20.48
CA SER C 19 -17.43 -21.02 20.69
C SER C 19 -16.82 -22.38 21.03
N GLN C 20 -17.34 -23.01 22.09
CA GLN C 20 -16.86 -24.31 22.53
C GLN C 20 -15.42 -24.24 23.02
N GLU D 4 0.04 5.10 -11.70
CA GLU D 4 -0.39 5.10 -13.12
C GLU D 4 -0.17 3.72 -13.77
N HIS D 5 1.01 3.13 -13.58
CA HIS D 5 1.30 1.82 -14.16
C HIS D 5 2.15 0.93 -13.25
N VAL D 6 1.88 -0.38 -13.30
CA VAL D 6 2.63 -1.31 -12.47
C VAL D 6 3.13 -2.52 -13.23
N ILE D 7 4.43 -2.80 -13.10
CA ILE D 7 5.03 -3.96 -13.73
C ILE D 7 5.50 -4.88 -12.60
N ILE D 8 5.05 -6.13 -12.64
CA ILE D 8 5.43 -7.08 -11.62
C ILE D 8 6.05 -8.35 -12.18
N GLN D 9 7.17 -8.72 -11.58
CA GLN D 9 7.90 -9.93 -11.90
C GLN D 9 7.38 -10.88 -10.81
N ALA D 10 6.50 -11.79 -11.17
CA ALA D 10 5.91 -12.72 -10.21
C ALA D 10 6.43 -14.11 -10.48
N GLU D 11 6.95 -14.75 -9.44
CA GLU D 11 7.46 -16.10 -9.57
C GLU D 11 7.02 -16.93 -8.38
N PHE D 12 6.96 -18.24 -8.54
CA PHE D 12 6.61 -19.12 -7.44
C PHE D 12 7.12 -20.53 -7.62
N TYR D 13 7.24 -21.25 -6.50
CA TYR D 13 7.63 -22.65 -6.53
C TYR D 13 6.70 -23.35 -5.53
N LEU D 14 6.17 -24.49 -5.93
CA LEU D 14 5.21 -25.24 -5.11
C LEU D 14 5.59 -26.67 -4.78
N ASN D 15 5.65 -26.98 -3.49
CA ASN D 15 5.93 -28.34 -3.03
C ASN D 15 4.62 -28.91 -2.51
N PRO D 16 4.42 -30.22 -2.63
CA PRO D 16 5.36 -31.19 -3.21
C PRO D 16 5.24 -31.36 -4.73
N ASP D 17 4.36 -30.61 -5.38
CA ASP D 17 4.17 -30.74 -6.82
C ASP D 17 5.42 -30.44 -7.65
N GLN D 18 6.34 -29.68 -7.06
CA GLN D 18 7.57 -29.29 -7.74
C GLN D 18 7.23 -28.49 -8.99
N SER D 19 6.30 -27.56 -8.86
CA SER D 19 5.91 -26.72 -9.99
C SER D 19 6.38 -25.30 -9.70
N GLY D 20 6.92 -24.66 -10.72
CA GLY D 20 7.41 -23.31 -10.57
C GLY D 20 6.92 -22.48 -11.72
N GLU D 21 6.86 -21.17 -11.51
CA GLU D 21 6.40 -20.27 -12.54
C GLU D 21 7.14 -18.96 -12.46
N PHE D 22 7.33 -18.34 -13.63
CA PHE D 22 8.01 -17.06 -13.72
C PHE D 22 7.32 -16.27 -14.82
N MET D 23 6.72 -15.15 -14.43
CA MET D 23 6.02 -14.31 -15.40
C MET D 23 6.15 -12.83 -15.07
N PHE D 24 5.82 -11.99 -16.04
CA PHE D 24 5.86 -10.55 -15.87
C PHE D 24 4.43 -10.06 -16.09
N ASP D 25 3.97 -9.19 -15.19
CA ASP D 25 2.63 -8.66 -15.30
C ASP D 25 2.68 -7.13 -15.47
N PHE D 26 1.77 -6.62 -16.31
CA PHE D 26 1.64 -5.18 -16.57
C PHE D 26 0.17 -4.81 -16.38
N ASP D 27 -0.11 -4.06 -15.32
CA ASP D 27 -1.47 -3.62 -15.00
C ASP D 27 -2.50 -4.74 -15.06
N GLY D 28 -2.16 -5.92 -14.54
CA GLY D 28 -3.12 -7.02 -14.55
C GLY D 28 -3.05 -7.94 -15.76
N ASP D 29 -2.27 -7.59 -16.78
CA ASP D 29 -2.14 -8.46 -17.95
C ASP D 29 -0.73 -9.05 -18.01
N GLU D 30 -0.63 -10.24 -18.62
CA GLU D 30 0.65 -10.94 -18.72
C GLU D 30 1.49 -10.50 -19.91
N ILE D 31 2.72 -10.09 -19.67
CA ILE D 31 3.59 -9.69 -20.75
C ILE D 31 4.19 -10.99 -21.29
N PHE D 32 4.67 -11.83 -20.39
CA PHE D 32 5.24 -13.10 -20.78
C PHE D 32 5.49 -13.99 -19.57
N HIS D 33 5.81 -15.24 -19.83
CA HIS D 33 6.19 -16.19 -18.79
C HIS D 33 7.25 -17.08 -19.42
N VAL D 34 7.97 -17.82 -18.61
CA VAL D 34 8.99 -18.72 -19.14
C VAL D 34 8.52 -20.16 -19.01
N ASP D 35 8.59 -20.89 -20.12
CA ASP D 35 8.19 -22.29 -20.14
C ASP D 35 9.33 -23.06 -19.45
N MET D 36 9.08 -23.52 -18.23
CA MET D 36 10.12 -24.25 -17.49
C MET D 36 10.60 -25.49 -18.23
N ALA D 37 9.68 -26.20 -18.88
CA ALA D 37 10.03 -27.41 -19.61
C ALA D 37 10.93 -27.13 -20.82
N LYS D 38 10.46 -26.26 -21.72
CA LYS D 38 11.23 -25.93 -22.92
C LYS D 38 12.32 -24.88 -22.70
N LYS D 39 12.41 -24.34 -21.50
CA LYS D 39 13.40 -23.33 -21.16
C LYS D 39 13.37 -22.18 -22.16
N GLU D 40 12.18 -21.70 -22.47
CA GLU D 40 12.04 -20.60 -23.41
C GLU D 40 11.00 -19.57 -22.98
N THR D 41 11.21 -18.33 -23.42
CA THR D 41 10.32 -17.22 -23.13
C THR D 41 9.09 -17.30 -24.02
N VAL D 42 7.91 -17.16 -23.42
CA VAL D 42 6.66 -17.21 -24.18
C VAL D 42 5.91 -15.89 -23.99
N TRP D 43 5.81 -15.11 -25.06
CA TRP D 43 5.13 -13.82 -25.01
C TRP D 43 3.63 -13.98 -25.07
N ARG D 44 2.89 -13.20 -24.26
CA ARG D 44 1.44 -13.31 -24.24
C ARG D 44 0.83 -13.00 -25.60
N LEU D 45 1.39 -11.97 -26.26
CA LEU D 45 0.97 -11.57 -27.59
C LEU D 45 2.21 -11.65 -28.47
N GLU D 46 2.09 -12.25 -29.64
CA GLU D 46 3.23 -12.40 -30.53
C GLU D 46 3.99 -11.10 -30.77
N GLU D 47 3.27 -10.00 -30.91
CA GLU D 47 3.89 -8.70 -31.14
C GLU D 47 4.93 -8.33 -30.09
N PHE D 48 4.71 -8.74 -28.85
CA PHE D 48 5.64 -8.41 -27.78
C PHE D 48 7.06 -8.86 -28.11
N GLY D 49 7.21 -10.13 -28.48
CA GLY D 49 8.53 -10.65 -28.81
C GLY D 49 9.20 -9.98 -29.98
N ARG D 50 8.51 -9.06 -30.65
CA ARG D 50 9.14 -8.38 -31.78
C ARG D 50 9.73 -7.05 -31.34
N PHE D 51 9.56 -6.70 -30.07
CA PHE D 51 10.10 -5.47 -29.54
C PHE D 51 10.98 -5.71 -28.32
N ALA D 52 10.77 -6.82 -27.63
CA ALA D 52 11.56 -7.12 -26.45
C ALA D 52 12.01 -8.56 -26.42
N SER D 53 13.04 -8.81 -25.62
CA SER D 53 13.58 -10.15 -25.43
C SER D 53 13.76 -10.36 -23.94
N PHE D 54 13.95 -11.61 -23.55
CA PHE D 54 14.17 -11.95 -22.16
C PHE D 54 14.89 -13.29 -22.11
N GLU D 55 16.04 -13.34 -21.45
CA GLU D 55 16.79 -14.58 -21.36
C GLU D 55 16.16 -15.50 -20.32
N ALA D 56 15.47 -16.52 -20.81
CA ALA D 56 14.78 -17.49 -19.96
C ALA D 56 15.68 -18.10 -18.88
N GLN D 57 16.95 -18.26 -19.20
CA GLN D 57 17.90 -18.83 -18.25
C GLN D 57 17.84 -18.13 -16.90
N GLY D 58 17.62 -16.81 -16.92
CA GLY D 58 17.53 -16.04 -15.70
C GLY D 58 16.34 -16.45 -14.85
N ALA D 59 15.23 -16.79 -15.50
CA ALA D 59 14.04 -17.22 -14.78
C ALA D 59 14.28 -18.56 -14.10
N LEU D 60 14.87 -19.48 -14.86
CA LEU D 60 15.17 -20.82 -14.36
C LEU D 60 16.05 -20.76 -13.12
N ALA D 61 17.03 -19.86 -13.14
CA ALA D 61 17.94 -19.72 -12.00
C ALA D 61 17.13 -19.29 -10.79
N ASN D 62 16.24 -18.32 -10.98
CA ASN D 62 15.42 -17.82 -9.87
C ASN D 62 14.48 -18.89 -9.32
N ILE D 63 13.96 -19.73 -10.20
CA ILE D 63 13.04 -20.79 -9.77
C ILE D 63 13.76 -21.83 -8.94
N ALA D 64 14.99 -22.18 -9.33
CA ALA D 64 15.75 -23.17 -8.57
C ALA D 64 16.03 -22.57 -7.21
N VAL D 65 16.33 -21.26 -7.17
CA VAL D 65 16.59 -20.61 -5.90
C VAL D 65 15.30 -20.57 -5.07
N ASP D 66 14.17 -20.32 -5.71
CA ASP D 66 12.90 -20.26 -4.98
C ASP D 66 12.61 -21.61 -4.30
N LYS D 67 12.89 -22.69 -5.00
CA LYS D 67 12.69 -24.03 -4.47
C LYS D 67 13.56 -24.22 -3.22
N ALA D 68 14.83 -23.82 -3.33
CA ALA D 68 15.76 -23.94 -2.20
C ALA D 68 15.28 -23.10 -1.03
N ASN D 69 14.84 -21.88 -1.31
CA ASN D 69 14.37 -21.00 -0.26
C ASN D 69 13.09 -21.53 0.37
N LEU D 70 12.22 -22.13 -0.45
CA LEU D 70 10.96 -22.67 0.06
C LEU D 70 11.24 -23.78 1.06
N GLU D 71 12.22 -24.62 0.75
CA GLU D 71 12.59 -25.71 1.63
C GLU D 71 12.90 -25.18 3.03
N ILE D 72 13.67 -24.09 3.09
CA ILE D 72 14.03 -23.48 4.37
C ILE D 72 12.83 -22.84 5.05
N MET D 73 12.06 -22.05 4.30
CA MET D 73 10.88 -21.40 4.85
C MET D 73 9.88 -22.42 5.41
N THR D 74 9.69 -23.52 4.70
CA THR D 74 8.76 -24.54 5.16
C THR D 74 9.15 -25.03 6.54
N LYS D 75 10.42 -25.39 6.72
CA LYS D 75 10.87 -25.86 8.03
C LYS D 75 10.75 -24.75 9.05
N ARG D 76 11.17 -23.55 8.68
CA ARG D 76 11.09 -22.42 9.59
C ARG D 76 9.67 -22.15 10.10
N SER D 77 8.66 -22.50 9.31
CA SER D 77 7.28 -22.27 9.70
C SER D 77 6.73 -23.44 10.51
N ASN D 78 7.58 -24.40 10.80
CA ASN D 78 7.17 -25.59 11.54
C ASN D 78 6.19 -26.37 10.66
N TYR D 79 6.51 -26.39 9.37
CA TYR D 79 5.73 -27.11 8.38
C TYR D 79 4.25 -26.70 8.31
N THR D 80 4.01 -25.40 8.22
CA THR D 80 2.64 -24.91 8.12
C THR D 80 2.25 -24.97 6.64
N PRO D 81 1.24 -25.76 6.29
CA PRO D 81 0.82 -25.88 4.90
C PRO D 81 -0.12 -24.76 4.50
N ILE D 82 -0.27 -24.57 3.19
CA ILE D 82 -1.16 -23.53 2.72
C ILE D 82 -2.63 -23.95 2.88
N THR D 83 -3.52 -23.01 3.18
CA THR D 83 -4.96 -23.34 3.27
C THR D 83 -5.53 -23.19 1.87
N ASN D 84 -6.25 -24.22 1.42
CA ASN D 84 -6.85 -24.15 0.09
C ASN D 84 -7.93 -23.10 0.06
N VAL D 85 -7.89 -22.29 -0.98
CA VAL D 85 -8.91 -21.26 -1.18
C VAL D 85 -9.49 -21.64 -2.53
N PRO D 86 -10.75 -22.13 -2.55
CA PRO D 86 -11.43 -22.55 -3.76
C PRO D 86 -11.69 -21.41 -4.74
N PRO D 87 -11.64 -21.70 -6.04
CA PRO D 87 -11.86 -20.69 -7.08
C PRO D 87 -13.29 -20.29 -7.35
N GLU D 88 -13.42 -19.10 -7.94
CA GLU D 88 -14.68 -18.55 -8.40
C GLU D 88 -14.59 -18.83 -9.90
N VAL D 89 -15.64 -19.36 -10.51
CA VAL D 89 -15.60 -19.68 -11.92
C VAL D 89 -16.69 -18.97 -12.71
N THR D 90 -16.31 -18.37 -13.83
CA THR D 90 -17.26 -17.68 -14.68
C THR D 90 -16.97 -17.98 -16.15
N VAL D 91 -18.01 -18.25 -16.92
CA VAL D 91 -17.85 -18.54 -18.33
C VAL D 91 -18.48 -17.41 -19.15
N LEU D 92 -17.75 -16.90 -20.14
CA LEU D 92 -18.24 -15.82 -20.99
C LEU D 92 -17.70 -15.98 -22.41
N THR D 93 -18.28 -15.19 -23.31
CA THR D 93 -17.89 -15.23 -24.70
C THR D 93 -16.98 -14.03 -24.91
N ASN D 94 -16.07 -14.14 -25.89
CA ASN D 94 -15.16 -13.05 -26.20
C ASN D 94 -15.98 -11.87 -26.69
N SER D 95 -17.10 -12.15 -27.35
CA SER D 95 -17.96 -11.11 -27.88
C SER D 95 -19.38 -11.60 -28.11
N PRO D 96 -20.35 -10.67 -28.31
CA PRO D 96 -21.72 -11.13 -28.53
C PRO D 96 -21.77 -12.20 -29.61
N VAL D 97 -22.45 -13.31 -29.31
CA VAL D 97 -22.54 -14.42 -30.23
C VAL D 97 -23.51 -14.22 -31.38
N GLU D 98 -23.16 -14.84 -32.51
CA GLU D 98 -23.97 -14.80 -33.72
C GLU D 98 -23.74 -16.15 -34.39
N LEU D 99 -24.82 -16.85 -34.68
CA LEU D 99 -24.71 -18.17 -35.30
C LEU D 99 -23.79 -18.13 -36.52
N ARG D 100 -23.00 -19.20 -36.69
CA ARG D 100 -22.08 -19.31 -37.83
C ARG D 100 -20.87 -18.38 -37.75
N GLU D 101 -20.89 -17.42 -36.83
CA GLU D 101 -19.78 -16.47 -36.69
C GLU D 101 -18.80 -16.94 -35.62
N PRO D 102 -17.54 -17.24 -36.02
CA PRO D 102 -16.52 -17.70 -35.07
C PRO D 102 -16.43 -16.85 -33.82
N ASN D 103 -16.35 -17.53 -32.67
CA ASN D 103 -16.26 -16.83 -31.40
C ASN D 103 -15.40 -17.65 -30.45
N VAL D 104 -15.18 -17.13 -29.25
CA VAL D 104 -14.37 -17.85 -28.27
C VAL D 104 -15.01 -17.87 -26.89
N LEU D 105 -15.00 -19.05 -26.27
CA LEU D 105 -15.56 -19.21 -24.93
C LEU D 105 -14.43 -18.99 -23.93
N ILE D 106 -14.71 -18.23 -22.90
CA ILE D 106 -13.71 -17.93 -21.89
C ILE D 106 -14.08 -18.43 -20.50
N CYS D 107 -13.23 -19.27 -19.93
CA CYS D 107 -13.46 -19.77 -18.59
C CYS D 107 -12.49 -19.04 -17.69
N PHE D 108 -13.02 -18.21 -16.81
CA PHE D 108 -12.19 -17.43 -15.92
C PHE D 108 -12.18 -18.01 -14.50
N ILE D 109 -11.03 -18.49 -14.06
CA ILE D 109 -10.88 -19.06 -12.72
C ILE D 109 -10.19 -18.03 -11.83
N ASP D 110 -10.87 -17.59 -10.78
CA ASP D 110 -10.34 -16.52 -9.94
C ASP D 110 -10.27 -16.77 -8.42
N LYS D 111 -9.48 -15.93 -7.75
CA LYS D 111 -9.31 -15.96 -6.30
C LYS D 111 -9.07 -17.34 -5.67
N PHE D 112 -8.00 -18.02 -6.09
CA PHE D 112 -7.73 -19.34 -5.53
C PHE D 112 -6.25 -19.60 -5.26
N THR D 113 -6.00 -20.59 -4.43
CA THR D 113 -4.65 -21.04 -4.10
C THR D 113 -4.79 -22.38 -3.38
N PRO D 114 -3.79 -23.28 -3.50
CA PRO D 114 -2.54 -23.12 -4.26
C PRO D 114 -2.77 -23.10 -5.77
N PRO D 115 -1.74 -22.70 -6.55
CA PRO D 115 -1.83 -22.63 -8.02
C PRO D 115 -1.79 -23.98 -8.74
N VAL D 116 -2.82 -24.77 -8.53
CA VAL D 116 -2.97 -26.07 -9.18
C VAL D 116 -4.46 -26.21 -9.45
N VAL D 117 -4.82 -26.42 -10.70
CA VAL D 117 -6.22 -26.54 -11.04
C VAL D 117 -6.39 -27.38 -12.30
N ASN D 118 -7.44 -28.17 -12.36
CA ASN D 118 -7.70 -29.00 -13.52
C ASN D 118 -8.94 -28.44 -14.20
N VAL D 119 -8.76 -27.88 -15.39
CA VAL D 119 -9.87 -27.29 -16.13
C VAL D 119 -10.13 -28.09 -17.41
N THR D 120 -11.40 -28.41 -17.64
CA THR D 120 -11.82 -29.17 -18.81
C THR D 120 -12.95 -28.43 -19.52
N TRP D 121 -13.03 -28.58 -20.83
CA TRP D 121 -14.12 -27.99 -21.62
C TRP D 121 -14.96 -29.16 -22.10
N LEU D 122 -16.28 -29.01 -22.05
CA LEU D 122 -17.16 -30.06 -22.55
C LEU D 122 -18.17 -29.52 -23.54
N ARG D 123 -18.42 -30.29 -24.59
CA ARG D 123 -19.42 -29.91 -25.58
C ARG D 123 -20.46 -31.01 -25.54
N ASN D 124 -21.69 -30.65 -25.22
CA ASN D 124 -22.79 -31.60 -25.12
C ASN D 124 -22.38 -32.82 -24.28
N GLY D 125 -21.67 -32.56 -23.18
CA GLY D 125 -21.27 -33.63 -22.28
C GLY D 125 -19.98 -34.39 -22.59
N LYS D 126 -19.36 -34.08 -23.72
CA LYS D 126 -18.12 -34.75 -24.10
C LYS D 126 -16.94 -33.75 -24.08
N PRO D 127 -15.81 -34.16 -23.48
CA PRO D 127 -14.65 -33.25 -23.44
C PRO D 127 -14.22 -32.85 -24.84
N VAL D 128 -13.71 -31.63 -24.97
CA VAL D 128 -13.23 -31.13 -26.25
C VAL D 128 -11.90 -30.42 -25.99
N THR D 129 -10.92 -30.65 -26.85
CA THR D 129 -9.61 -30.03 -26.68
C THR D 129 -9.08 -29.35 -27.93
N THR D 130 -9.77 -29.53 -29.05
CA THR D 130 -9.34 -28.94 -30.31
C THR D 130 -9.34 -27.41 -30.28
N GLY D 131 -8.16 -26.82 -30.47
CA GLY D 131 -8.03 -25.38 -30.50
C GLY D 131 -8.01 -24.68 -29.15
N VAL D 132 -8.15 -25.44 -28.07
CA VAL D 132 -8.15 -24.81 -26.74
C VAL D 132 -6.77 -24.29 -26.37
N SER D 133 -6.74 -23.29 -25.51
CA SER D 133 -5.50 -22.69 -25.05
C SER D 133 -5.76 -22.19 -23.64
N GLU D 134 -4.70 -21.81 -22.94
CA GLU D 134 -4.84 -21.31 -21.57
C GLU D 134 -3.67 -20.41 -21.22
N THR D 135 -3.82 -19.68 -20.12
CA THR D 135 -2.75 -18.82 -19.64
C THR D 135 -2.15 -19.54 -18.43
N VAL D 136 -1.04 -19.03 -17.90
CA VAL D 136 -0.46 -19.63 -16.72
C VAL D 136 -1.17 -18.95 -15.56
N PHE D 137 -0.74 -19.22 -14.33
CA PHE D 137 -1.36 -18.60 -13.17
C PHE D 137 -0.96 -17.14 -13.01
N LEU D 138 -1.94 -16.24 -13.10
CA LEU D 138 -1.68 -14.81 -12.97
C LEU D 138 -1.82 -14.42 -11.50
N PRO D 139 -0.98 -13.49 -11.03
CA PRO D 139 -0.97 -13.03 -9.64
C PRO D 139 -2.07 -12.05 -9.25
N ARG D 140 -2.45 -12.06 -7.97
CA ARG D 140 -3.47 -11.17 -7.42
C ARG D 140 -2.83 -10.45 -6.24
N GLU D 141 -3.26 -9.21 -5.97
CA GLU D 141 -2.68 -8.46 -4.86
C GLU D 141 -2.83 -9.19 -3.52
N ASP D 142 -3.84 -10.05 -3.41
CA ASP D 142 -4.04 -10.80 -2.17
C ASP D 142 -3.23 -12.10 -2.17
N HIS D 143 -2.39 -12.24 -3.19
CA HIS D 143 -1.51 -13.40 -3.36
C HIS D 143 -2.19 -14.71 -3.72
N LEU D 144 -3.46 -14.59 -4.10
CA LEU D 144 -4.21 -15.75 -4.57
C LEU D 144 -3.89 -15.69 -6.08
N PHE D 145 -4.55 -16.53 -6.87
CA PHE D 145 -4.27 -16.55 -8.31
C PHE D 145 -5.49 -16.42 -9.18
N ARG D 146 -5.22 -16.19 -10.47
CA ARG D 146 -6.22 -16.01 -11.51
C ARG D 146 -5.74 -16.83 -12.70
N LYS D 147 -6.66 -17.23 -13.58
CA LYS D 147 -6.29 -18.04 -14.75
C LYS D 147 -7.40 -17.97 -15.79
N PHE D 148 -7.02 -18.12 -17.06
CA PHE D 148 -7.97 -18.08 -18.17
C PHE D 148 -7.79 -19.29 -19.07
N HIS D 149 -8.91 -19.89 -19.48
CA HIS D 149 -8.90 -21.02 -20.39
C HIS D 149 -9.75 -20.57 -21.56
N TYR D 150 -9.41 -21.00 -22.76
CA TYR D 150 -10.15 -20.57 -23.95
C TYR D 150 -10.58 -21.70 -24.87
N LEU D 151 -11.73 -21.50 -25.51
CA LEU D 151 -12.28 -22.50 -26.42
C LEU D 151 -12.90 -21.86 -27.66
N PRO D 152 -12.19 -21.89 -28.79
CA PRO D 152 -12.76 -21.29 -30.00
C PRO D 152 -13.93 -22.17 -30.45
N PHE D 153 -15.02 -21.55 -30.90
CA PHE D 153 -16.16 -22.35 -31.32
C PHE D 153 -17.02 -21.67 -32.37
N LEU D 154 -17.83 -22.48 -33.02
CA LEU D 154 -18.74 -21.99 -34.05
C LEU D 154 -20.13 -22.11 -33.45
N PRO D 155 -20.71 -20.98 -33.03
CA PRO D 155 -22.05 -20.90 -32.42
C PRO D 155 -23.07 -21.81 -33.10
N SER D 156 -23.80 -22.55 -32.28
CA SER D 156 -24.83 -23.48 -32.73
C SER D 156 -25.92 -23.52 -31.66
N THR D 157 -27.18 -23.43 -32.06
CA THR D 157 -28.28 -23.45 -31.09
C THR D 157 -28.48 -24.86 -30.54
N GLU D 158 -27.69 -25.82 -31.01
CA GLU D 158 -27.81 -27.19 -30.55
C GLU D 158 -26.71 -27.59 -29.59
N ASP D 159 -25.71 -26.74 -29.43
CA ASP D 159 -24.58 -27.04 -28.55
C ASP D 159 -24.66 -26.41 -27.15
N VAL D 160 -24.28 -27.19 -26.16
CA VAL D 160 -24.25 -26.77 -24.77
C VAL D 160 -22.83 -27.01 -24.28
N TYR D 161 -22.18 -25.97 -23.78
CA TYR D 161 -20.80 -26.12 -23.32
C TYR D 161 -20.66 -25.98 -21.80
N ASP D 162 -19.67 -26.68 -21.25
CA ASP D 162 -19.38 -26.60 -19.82
C ASP D 162 -17.88 -26.33 -19.61
N CYS D 163 -17.56 -25.55 -18.58
CA CYS D 163 -16.17 -25.37 -18.20
C CYS D 163 -16.20 -26.16 -16.90
N ARG D 164 -15.36 -27.18 -16.80
CA ARG D 164 -15.31 -28.02 -15.61
C ARG D 164 -14.05 -27.67 -14.81
N VAL D 165 -14.20 -27.31 -13.54
CA VAL D 165 -13.03 -26.95 -12.74
C VAL D 165 -12.83 -27.76 -11.46
N GLU D 166 -11.63 -28.29 -11.31
CA GLU D 166 -11.27 -29.07 -10.15
C GLU D 166 -10.19 -28.36 -9.35
N HIS D 167 -10.28 -28.42 -8.03
CA HIS D 167 -9.33 -27.76 -7.15
C HIS D 167 -9.52 -28.34 -5.75
N TRP D 168 -8.42 -28.53 -5.04
CA TRP D 168 -8.45 -29.12 -3.71
C TRP D 168 -9.35 -28.41 -2.71
N GLY D 169 -9.59 -27.12 -2.93
CA GLY D 169 -10.46 -26.38 -2.01
C GLY D 169 -11.95 -26.60 -2.23
N LEU D 170 -12.30 -27.30 -3.30
CA LEU D 170 -13.68 -27.60 -3.67
C LEU D 170 -14.20 -28.93 -3.11
N ASP D 171 -15.44 -28.95 -2.64
CA ASP D 171 -16.01 -30.20 -2.14
C ASP D 171 -16.23 -31.16 -3.31
N GLU D 172 -16.58 -30.60 -4.46
CA GLU D 172 -16.82 -31.36 -5.67
C GLU D 172 -16.34 -30.53 -6.85
N PRO D 173 -16.09 -31.18 -8.01
CA PRO D 173 -15.64 -30.44 -9.17
C PRO D 173 -16.81 -29.51 -9.50
N LEU D 174 -16.50 -28.38 -10.13
CA LEU D 174 -17.51 -27.39 -10.49
C LEU D 174 -17.77 -27.37 -12.00
N LEU D 175 -19.01 -27.05 -12.38
CA LEU D 175 -19.40 -26.94 -13.78
C LEU D 175 -20.08 -25.60 -13.98
N LYS D 176 -19.65 -24.86 -14.99
CA LYS D 176 -20.26 -23.57 -15.34
C LYS D 176 -20.73 -23.75 -16.77
N HIS D 177 -22.04 -23.61 -16.95
CA HIS D 177 -22.76 -23.79 -18.19
C HIS D 177 -22.86 -22.56 -19.10
N TRP D 178 -22.88 -22.81 -20.41
CA TRP D 178 -23.08 -21.74 -21.40
C TRP D 178 -23.68 -22.33 -22.66
N GLU D 179 -24.64 -21.61 -23.24
CA GLU D 179 -25.29 -22.05 -24.46
C GLU D 179 -25.97 -20.88 -25.13
N PHE D 180 -26.19 -21.01 -26.44
CA PHE D 180 -26.85 -19.96 -27.19
C PHE D 180 -28.36 -20.21 -27.06
N ASP D 181 -29.08 -19.22 -26.57
CA ASP D 181 -30.53 -19.36 -26.37
C ASP D 181 -31.39 -18.98 -27.59
N GLY E 1 -7.26 -37.02 -5.78
CA GLY E 1 -7.31 -37.70 -4.44
C GLY E 1 -6.07 -37.36 -3.65
N ASP E 2 -5.34 -36.35 -4.12
CA ASP E 2 -4.11 -35.91 -3.49
C ASP E 2 -4.44 -34.92 -2.37
N THR E 3 -4.36 -35.38 -1.13
CA THR E 3 -4.67 -34.52 0.01
C THR E 3 -3.41 -34.11 0.77
N ARG E 4 -2.24 -34.34 0.17
CA ARG E 4 -0.99 -33.97 0.82
C ARG E 4 -0.85 -32.46 1.02
N PRO E 5 -0.20 -32.06 2.12
CA PRO E 5 0.02 -30.66 2.47
C PRO E 5 0.79 -29.99 1.35
N ARG E 6 0.39 -28.78 0.99
CA ARG E 6 1.08 -28.05 -0.06
C ARG E 6 1.84 -26.89 0.62
N PHE E 7 3.01 -26.53 0.07
CA PHE E 7 3.84 -25.46 0.61
C PHE E 7 4.23 -24.56 -0.56
N LEU E 8 3.83 -23.30 -0.49
CA LEU E 8 4.09 -22.37 -1.58
C LEU E 8 4.98 -21.18 -1.27
N GLN E 9 5.92 -20.94 -2.17
CA GLN E 9 6.84 -19.82 -2.05
C GLN E 9 6.61 -18.90 -3.24
N GLN E 10 6.35 -17.62 -2.95
CA GLN E 10 6.16 -16.61 -3.99
C GLN E 10 7.07 -15.41 -3.76
N ASP E 11 7.58 -14.86 -4.84
CA ASP E 11 8.41 -13.67 -4.78
C ASP E 11 7.89 -12.73 -5.85
N LYS E 12 7.58 -11.51 -5.45
CA LYS E 12 7.07 -10.54 -6.41
C LYS E 12 7.94 -9.30 -6.36
N TYR E 13 8.43 -8.93 -7.53
CA TYR E 13 9.26 -7.73 -7.65
C TYR E 13 8.39 -6.71 -8.39
N GLU E 14 7.93 -5.72 -7.64
CA GLU E 14 7.04 -4.69 -8.16
C GLU E 14 7.69 -3.36 -8.51
N CYS E 15 7.27 -2.81 -9.63
CA CYS E 15 7.73 -1.51 -10.08
C CYS E 15 6.50 -0.66 -10.30
N HIS E 16 6.32 0.35 -9.44
CA HIS E 16 5.20 1.26 -9.52
C HIS E 16 5.67 2.56 -10.17
N PHE E 17 4.99 2.95 -11.24
CA PHE E 17 5.34 4.16 -11.99
C PHE E 17 4.26 5.22 -11.91
N PHE E 18 4.69 6.45 -11.64
CA PHE E 18 3.77 7.58 -11.54
C PHE E 18 4.23 8.69 -12.50
N ASN E 19 3.30 9.16 -13.34
CA ASN E 19 3.60 10.21 -14.32
C ASN E 19 4.88 9.82 -15.07
N GLY E 20 4.75 8.90 -16.02
CA GLY E 20 5.92 8.44 -16.74
C GLY E 20 6.75 7.72 -15.71
N THR E 21 8.06 7.97 -15.70
CA THR E 21 8.93 7.34 -14.72
C THR E 21 9.43 8.42 -13.77
N GLU E 22 8.68 9.52 -13.69
CA GLU E 22 9.02 10.65 -12.85
C GLU E 22 9.28 10.17 -11.43
N ARG E 23 8.37 9.37 -10.91
CA ARG E 23 8.50 8.81 -9.58
C ARG E 23 8.31 7.30 -9.71
N VAL E 24 9.30 6.54 -9.25
CA VAL E 24 9.24 5.09 -9.31
C VAL E 24 9.43 4.49 -7.93
N ARG E 25 8.65 3.46 -7.61
CA ARG E 25 8.78 2.78 -6.33
C ARG E 25 8.96 1.30 -6.55
N PHE E 26 10.13 0.79 -6.13
CA PHE E 26 10.47 -0.62 -6.26
C PHE E 26 10.10 -1.37 -4.99
N LEU E 27 9.52 -2.55 -5.14
CA LEU E 27 9.12 -3.33 -3.99
C LEU E 27 9.40 -4.81 -4.21
N HIS E 28 10.03 -5.44 -3.22
CA HIS E 28 10.32 -6.86 -3.26
C HIS E 28 9.41 -7.46 -2.20
N ARG E 29 8.51 -8.34 -2.61
CA ARG E 29 7.61 -8.98 -1.68
C ARG E 29 7.89 -10.48 -1.66
N ASP E 30 8.18 -11.03 -0.49
CA ASP E 30 8.39 -12.46 -0.39
C ASP E 30 7.17 -13.00 0.32
N ILE E 31 6.52 -13.99 -0.29
CA ILE E 31 5.29 -14.55 0.27
C ILE E 31 5.36 -16.05 0.49
N TYR E 32 5.04 -16.49 1.70
CA TYR E 32 5.04 -17.91 2.02
C TYR E 32 3.57 -18.33 2.12
N ASN E 33 3.16 -19.28 1.29
CA ASN E 33 1.77 -19.74 1.24
C ASN E 33 0.94 -18.51 0.84
N GLN E 34 0.25 -17.87 1.78
CA GLN E 34 -0.50 -16.67 1.40
C GLN E 34 -0.14 -15.44 2.23
N GLU E 35 0.91 -15.55 3.03
CA GLU E 35 1.32 -14.43 3.86
C GLU E 35 2.64 -13.80 3.43
N GLU E 36 2.61 -12.50 3.17
CA GLU E 36 3.84 -11.79 2.81
C GLU E 36 4.61 -11.73 4.13
N ASP E 37 5.84 -12.24 4.15
CA ASP E 37 6.63 -12.26 5.38
C ASP E 37 7.81 -11.31 5.40
N LEU E 38 8.26 -10.88 4.22
CA LEU E 38 9.41 -10.00 4.12
C LEU E 38 9.21 -9.02 2.98
N ARG E 39 9.71 -7.80 3.15
CA ARG E 39 9.54 -6.77 2.14
C ARG E 39 10.68 -5.77 2.05
N PHE E 40 10.98 -5.33 0.84
CA PHE E 40 11.98 -4.30 0.62
C PHE E 40 11.25 -3.22 -0.15
N ASP E 41 11.04 -2.09 0.51
CA ASP E 41 10.35 -0.97 -0.09
C ASP E 41 11.43 0.06 -0.44
N SER E 42 11.54 0.42 -1.71
CA SER E 42 12.56 1.39 -2.12
C SER E 42 12.48 2.68 -1.30
N ASP E 43 11.29 2.99 -0.79
CA ASP E 43 11.08 4.18 0.02
C ASP E 43 11.68 4.06 1.41
N VAL E 44 11.95 2.84 1.86
CA VAL E 44 12.52 2.61 3.18
C VAL E 44 14.04 2.44 3.13
N GLY E 45 14.52 1.79 2.07
CA GLY E 45 15.95 1.60 1.92
C GLY E 45 16.51 0.29 2.44
N GLU E 46 15.70 -0.47 3.17
CA GLU E 46 16.16 -1.74 3.70
C GLU E 46 15.04 -2.77 3.88
N TYR E 47 15.44 -4.02 4.04
CA TYR E 47 14.48 -5.08 4.23
C TYR E 47 13.90 -5.02 5.63
N ARG E 48 12.62 -5.37 5.74
CA ARG E 48 11.92 -5.38 7.01
C ARG E 48 10.90 -6.48 7.00
N ALA E 49 10.89 -7.27 8.07
CA ALA E 49 9.97 -8.38 8.19
C ALA E 49 8.55 -7.89 8.48
N VAL E 50 7.58 -8.41 7.72
CA VAL E 50 6.20 -8.04 7.92
C VAL E 50 5.57 -9.03 8.89
N THR E 51 6.07 -10.27 8.89
CA THR E 51 5.61 -11.30 9.83
C THR E 51 6.86 -11.93 10.44
N GLU E 52 6.69 -12.66 11.53
CA GLU E 52 7.78 -13.31 12.22
C GLU E 52 8.66 -14.17 11.31
N LEU E 53 8.05 -14.84 10.34
CA LEU E 53 8.81 -15.69 9.42
C LEU E 53 9.90 -14.96 8.64
N GLY E 54 9.70 -13.68 8.39
CA GLY E 54 10.67 -12.94 7.61
C GLY E 54 11.76 -12.28 8.43
N ARG E 55 11.59 -12.28 9.75
CA ARG E 55 12.57 -11.66 10.65
C ARG E 55 14.02 -12.08 10.40
N PRO E 56 14.31 -13.39 10.36
CA PRO E 56 15.68 -13.83 10.14
C PRO E 56 16.30 -13.30 8.85
N ASP E 57 15.51 -13.33 7.78
CA ASP E 57 16.00 -12.86 6.48
C ASP E 57 16.27 -11.37 6.45
N ALA E 58 15.33 -10.57 6.96
CA ALA E 58 15.50 -9.12 6.97
C ALA E 58 16.81 -8.73 7.64
N GLU E 59 17.11 -9.40 8.76
CA GLU E 59 18.32 -9.12 9.50
C GLU E 59 19.54 -9.47 8.66
N TYR E 60 19.51 -10.61 8.00
CA TYR E 60 20.65 -11.03 7.19
C TYR E 60 20.88 -10.15 5.96
N TRP E 61 19.87 -10.02 5.11
CA TRP E 61 19.99 -9.23 3.90
C TRP E 61 20.44 -7.81 4.12
N ASN E 62 19.94 -7.18 5.18
CA ASN E 62 20.34 -5.81 5.46
C ASN E 62 21.84 -5.75 5.78
N SER E 63 22.33 -6.75 6.51
CA SER E 63 23.74 -6.77 6.88
C SER E 63 24.63 -7.00 5.67
N GLN E 64 24.04 -7.06 4.49
CA GLN E 64 24.79 -7.28 3.26
C GLN E 64 24.84 -5.98 2.45
N LYS E 65 25.66 -5.04 2.92
CA LYS E 65 25.85 -3.74 2.28
C LYS E 65 25.82 -3.80 0.74
N ASP E 66 26.68 -4.62 0.16
CA ASP E 66 26.73 -4.77 -1.28
C ASP E 66 25.35 -5.05 -1.85
N PHE E 67 24.77 -6.18 -1.44
CA PHE E 67 23.44 -6.57 -1.90
C PHE E 67 22.43 -5.47 -1.62
N LEU E 68 22.47 -4.89 -0.44
CA LEU E 68 21.55 -3.85 -0.06
C LEU E 68 21.66 -2.65 -1.02
N GLU E 69 22.89 -2.34 -1.44
CA GLU E 69 23.11 -1.24 -2.37
C GLU E 69 22.46 -1.55 -3.71
N ASP E 70 22.63 -2.79 -4.14
CA ASP E 70 22.07 -3.25 -5.40
C ASP E 70 20.56 -3.00 -5.40
N ARG E 71 19.87 -3.48 -4.37
CA ARG E 71 18.42 -3.31 -4.26
C ARG E 71 17.98 -1.85 -4.23
N ARG E 72 18.88 -0.97 -3.80
CA ARG E 72 18.56 0.45 -3.74
C ARG E 72 18.66 1.08 -5.13
N ALA E 73 19.33 0.38 -6.04
CA ALA E 73 19.50 0.87 -7.40
C ALA E 73 18.51 0.25 -8.38
N ALA E 74 17.67 -0.67 -7.88
CA ALA E 74 16.68 -1.35 -8.69
C ALA E 74 15.73 -0.37 -9.38
N VAL E 75 15.25 0.63 -8.64
CA VAL E 75 14.35 1.62 -9.22
C VAL E 75 14.87 2.14 -10.56
N ASP E 76 16.19 2.15 -10.73
CA ASP E 76 16.79 2.62 -11.98
C ASP E 76 17.21 1.48 -12.88
N THR E 77 18.06 0.60 -12.36
CA THR E 77 18.59 -0.53 -13.12
C THR E 77 17.55 -1.57 -13.53
N TYR E 78 16.48 -1.66 -12.74
CA TYR E 78 15.43 -2.64 -13.00
C TYR E 78 14.16 -1.98 -13.52
N CYS E 79 13.51 -1.21 -12.65
CA CYS E 79 12.26 -0.55 -12.99
C CYS E 79 12.26 0.38 -14.21
N ARG E 80 13.09 1.43 -14.20
CA ARG E 80 13.09 2.33 -15.34
C ARG E 80 13.56 1.62 -16.61
N HIS E 81 14.51 0.70 -16.47
CA HIS E 81 15.01 -0.03 -17.63
C HIS E 81 13.89 -0.78 -18.33
N ASN E 82 13.19 -1.63 -17.58
CA ASN E 82 12.10 -2.41 -18.13
C ASN E 82 10.99 -1.53 -18.66
N TYR E 83 10.73 -0.41 -17.98
CA TYR E 83 9.69 0.50 -18.42
C TYR E 83 10.03 1.06 -19.80
N GLY E 84 11.30 1.38 -20.02
CA GLY E 84 11.72 1.90 -21.31
C GLY E 84 11.58 0.82 -22.37
N VAL E 85 11.93 -0.40 -22.00
CA VAL E 85 11.85 -1.54 -22.91
C VAL E 85 10.41 -1.87 -23.30
N GLY E 86 9.50 -1.89 -22.33
CA GLY E 86 8.12 -2.24 -22.63
C GLY E 86 7.16 -1.12 -22.95
N GLU E 87 7.54 0.12 -22.68
CA GLU E 87 6.68 1.28 -22.92
C GLU E 87 5.88 1.25 -24.23
N SER E 88 6.57 1.06 -25.34
CA SER E 88 5.93 1.07 -26.64
C SER E 88 4.69 0.20 -26.81
N PHE E 89 4.71 -1.02 -26.27
CA PHE E 89 3.57 -1.93 -26.43
C PHE E 89 2.75 -2.20 -25.19
N THR E 90 2.95 -1.42 -24.14
CA THR E 90 2.19 -1.59 -22.90
C THR E 90 1.58 -0.26 -22.51
N VAL E 91 2.42 0.66 -22.04
CA VAL E 91 1.96 1.97 -21.67
C VAL E 91 1.25 2.67 -22.85
N GLN E 92 1.80 2.49 -24.05
CA GLN E 92 1.23 3.13 -25.24
C GLN E 92 0.21 2.27 -25.96
N ARG E 93 -0.15 1.12 -25.40
CA ARG E 93 -1.13 0.29 -26.07
C ARG E 93 -2.52 0.93 -26.05
N ARG E 94 -3.19 0.90 -27.19
CA ARG E 94 -4.53 1.45 -27.33
C ARG E 94 -5.31 0.70 -28.40
N VAL E 95 -6.46 0.17 -28.02
CA VAL E 95 -7.30 -0.58 -28.93
C VAL E 95 -8.74 -0.09 -28.77
N GLU E 96 -9.31 0.36 -29.88
CA GLU E 96 -10.68 0.88 -29.91
C GLU E 96 -11.77 -0.16 -29.64
N PRO E 97 -12.78 0.21 -28.86
CA PRO E 97 -13.89 -0.70 -28.52
C PRO E 97 -14.76 -0.94 -29.75
N LYS E 98 -15.33 -2.13 -29.85
CA LYS E 98 -16.24 -2.44 -30.93
C LYS E 98 -17.59 -2.35 -30.21
N VAL E 99 -18.42 -1.39 -30.58
CA VAL E 99 -19.71 -1.19 -29.93
C VAL E 99 -20.90 -1.66 -30.75
N THR E 100 -21.78 -2.42 -30.10
CA THR E 100 -22.99 -2.94 -30.73
C THR E 100 -24.13 -2.89 -29.72
N VAL E 101 -25.34 -2.64 -30.21
CA VAL E 101 -26.52 -2.58 -29.36
C VAL E 101 -27.57 -3.59 -29.83
N TYR E 102 -28.17 -4.28 -28.87
CA TYR E 102 -29.19 -5.28 -29.17
C TYR E 102 -29.97 -5.63 -27.90
N PRO E 103 -31.24 -6.02 -28.06
CA PRO E 103 -32.08 -6.39 -26.91
C PRO E 103 -31.65 -7.73 -26.34
N ALA E 104 -31.62 -7.83 -25.01
CA ALA E 104 -31.22 -9.06 -24.34
C ALA E 104 -31.97 -10.23 -24.97
N ARG E 105 -31.25 -11.31 -25.27
CA ARG E 105 -31.86 -12.48 -25.88
C ARG E 105 -32.64 -13.32 -24.90
N THR E 106 -32.69 -12.86 -23.65
CA THR E 106 -33.42 -13.54 -22.59
C THR E 106 -33.93 -12.48 -21.63
N GLN E 107 -35.24 -12.38 -21.47
CA GLN E 107 -35.77 -11.38 -20.55
C GLN E 107 -36.98 -11.77 -19.73
N THR E 108 -37.04 -11.20 -18.54
CA THR E 108 -38.12 -11.44 -17.60
C THR E 108 -38.89 -10.13 -17.57
N LEU E 109 -40.22 -10.22 -17.52
CA LEU E 109 -41.06 -9.02 -17.54
C LEU E 109 -41.25 -8.78 -19.04
N GLN E 110 -42.48 -8.85 -19.52
CA GLN E 110 -42.76 -8.68 -20.94
C GLN E 110 -43.64 -7.50 -21.35
N HIS E 111 -43.12 -6.29 -21.18
CA HIS E 111 -43.80 -5.05 -21.52
C HIS E 111 -42.64 -4.07 -21.61
N HIS E 112 -41.61 -4.38 -20.83
CA HIS E 112 -40.39 -3.61 -20.79
C HIS E 112 -39.50 -4.22 -21.87
N ASN E 113 -38.32 -3.66 -22.06
CA ASN E 113 -37.41 -4.19 -23.06
C ASN E 113 -35.98 -3.98 -22.59
N LEU E 114 -35.23 -5.07 -22.48
CA LEU E 114 -33.85 -4.96 -22.03
C LEU E 114 -32.89 -4.77 -23.19
N LEU E 115 -32.34 -3.55 -23.27
CA LEU E 115 -31.39 -3.22 -24.32
C LEU E 115 -29.97 -3.40 -23.77
N VAL E 116 -29.13 -4.02 -24.60
CA VAL E 116 -27.75 -4.28 -24.22
C VAL E 116 -26.78 -3.49 -25.07
N CYS E 117 -25.82 -2.83 -24.44
CA CYS E 117 -24.80 -2.11 -25.18
C CYS E 117 -23.52 -2.90 -24.88
N SER E 118 -23.00 -3.58 -25.89
CA SER E 118 -21.80 -4.38 -25.70
C SER E 118 -20.58 -3.63 -26.24
N VAL E 119 -19.63 -3.35 -25.34
CA VAL E 119 -18.40 -2.65 -25.69
C VAL E 119 -17.29 -3.70 -25.61
N ASN E 120 -16.80 -4.13 -26.78
CA ASN E 120 -15.82 -5.21 -26.84
C ASN E 120 -14.42 -4.99 -27.40
N GLY E 121 -13.48 -5.74 -26.82
CA GLY E 121 -12.09 -5.72 -27.23
C GLY E 121 -11.31 -4.43 -27.11
N PHE E 122 -11.54 -3.66 -26.06
CA PHE E 122 -10.82 -2.42 -25.92
C PHE E 122 -9.64 -2.47 -24.95
N TYR E 123 -8.80 -1.43 -25.02
CA TYR E 123 -7.64 -1.27 -24.14
C TYR E 123 -7.13 0.17 -24.26
N PRO E 124 -6.78 0.81 -23.12
CA PRO E 124 -6.82 0.31 -21.75
C PRO E 124 -8.22 0.12 -21.18
N GLY E 125 -8.28 -0.29 -19.91
CA GLY E 125 -9.53 -0.55 -19.24
C GLY E 125 -10.41 0.66 -18.96
N SER E 126 -9.79 1.83 -18.81
CA SER E 126 -10.54 3.05 -18.55
C SER E 126 -11.55 3.36 -19.67
N ILE E 127 -12.83 3.36 -19.34
CA ILE E 127 -13.87 3.61 -20.34
C ILE E 127 -15.14 4.18 -19.70
N GLU E 128 -15.94 4.88 -20.49
CA GLU E 128 -17.18 5.48 -20.01
C GLU E 128 -18.32 5.15 -20.98
N VAL E 129 -19.33 4.43 -20.51
CA VAL E 129 -20.45 4.05 -21.35
C VAL E 129 -21.75 4.62 -20.80
N ARG E 130 -22.47 5.37 -21.62
CA ARG E 130 -23.72 5.99 -21.19
C ARG E 130 -24.86 5.87 -22.20
N TRP E 131 -26.08 5.83 -21.69
CA TRP E 131 -27.27 5.72 -22.52
C TRP E 131 -27.98 7.06 -22.67
N PHE E 132 -28.57 7.29 -23.84
CA PHE E 132 -29.29 8.54 -24.11
C PHE E 132 -30.61 8.30 -24.85
N ARG E 133 -31.70 8.65 -24.18
CA ARG E 133 -33.04 8.50 -24.74
C ARG E 133 -33.42 9.80 -25.46
N ASN E 134 -32.89 9.93 -26.68
CA ASN E 134 -33.10 11.09 -27.54
C ASN E 134 -31.96 12.11 -27.44
N SER E 135 -31.76 12.62 -26.23
CA SER E 135 -30.73 13.59 -25.93
C SER E 135 -30.83 13.81 -24.43
N GLN E 136 -31.07 12.72 -23.72
CA GLN E 136 -31.22 12.74 -22.27
C GLN E 136 -30.66 11.44 -21.68
N GLU E 137 -29.48 11.52 -21.09
CA GLU E 137 -28.84 10.35 -20.50
C GLU E 137 -29.73 9.63 -19.49
N GLU E 138 -30.16 8.42 -19.84
CA GLU E 138 -31.01 7.63 -18.96
C GLU E 138 -30.15 7.06 -17.82
N LYS E 139 -29.73 7.92 -16.92
CA LYS E 139 -28.89 7.53 -15.79
C LYS E 139 -29.58 6.52 -14.87
N ALA E 140 -30.85 6.23 -15.15
CA ALA E 140 -31.62 5.29 -14.35
C ALA E 140 -31.94 4.03 -15.14
N GLY E 141 -32.20 2.94 -14.43
CA GLY E 141 -32.52 1.68 -15.09
C GLY E 141 -31.36 1.20 -15.94
N VAL E 142 -30.14 1.46 -15.46
CA VAL E 142 -28.93 1.08 -16.15
C VAL E 142 -28.03 0.21 -15.28
N VAL E 143 -27.79 -1.01 -15.72
CA VAL E 143 -26.94 -1.93 -14.98
C VAL E 143 -25.75 -2.34 -15.84
N SER E 144 -24.57 -2.39 -15.24
CA SER E 144 -23.37 -2.77 -15.97
C SER E 144 -22.66 -3.96 -15.36
N THR E 145 -21.94 -4.69 -16.21
CA THR E 145 -21.18 -5.85 -15.77
C THR E 145 -19.88 -5.35 -15.16
N GLY E 146 -19.60 -4.07 -15.35
CA GLY E 146 -18.36 -3.52 -14.84
C GLY E 146 -17.26 -3.90 -15.82
N LEU E 147 -16.03 -3.52 -15.51
CA LEU E 147 -14.90 -3.83 -16.38
C LEU E 147 -14.55 -5.31 -16.29
N ILE E 148 -14.41 -5.95 -17.46
CA ILE E 148 -14.08 -7.36 -17.51
C ILE E 148 -12.85 -7.63 -18.36
N GLN E 149 -11.91 -8.39 -17.80
CA GLN E 149 -10.69 -8.74 -18.53
C GLN E 149 -10.85 -10.04 -19.29
N ASN E 150 -10.35 -10.05 -20.52
CA ASN E 150 -10.44 -11.24 -21.36
C ASN E 150 -9.17 -12.07 -21.22
N GLY E 151 -8.14 -11.46 -20.63
CA GLY E 151 -6.88 -12.14 -20.43
C GLY E 151 -5.93 -12.06 -21.60
N ASP E 152 -6.33 -11.38 -22.67
CA ASP E 152 -5.51 -11.25 -23.87
C ASP E 152 -5.22 -9.78 -24.20
N TRP E 153 -5.16 -8.94 -23.17
CA TRP E 153 -4.92 -7.51 -23.31
C TRP E 153 -6.08 -6.73 -23.93
N THR E 154 -7.29 -7.26 -23.76
CA THR E 154 -8.49 -6.57 -24.22
C THR E 154 -9.53 -6.69 -23.11
N PHE E 155 -10.41 -5.70 -23.03
CA PHE E 155 -11.47 -5.67 -22.04
C PHE E 155 -12.80 -5.66 -22.77
N GLN E 156 -13.86 -5.97 -22.03
CA GLN E 156 -15.21 -5.92 -22.58
C GLN E 156 -16.11 -5.57 -21.42
N THR E 157 -17.19 -4.88 -21.72
CA THR E 157 -18.14 -4.50 -20.67
C THR E 157 -19.52 -4.33 -21.31
N LEU E 158 -20.54 -4.83 -20.61
CA LEU E 158 -21.90 -4.71 -21.10
C LEU E 158 -22.73 -3.84 -20.16
N VAL E 159 -23.42 -2.86 -20.75
CA VAL E 159 -24.27 -1.96 -19.99
C VAL E 159 -25.70 -2.10 -20.49
N MET E 160 -26.54 -2.74 -19.68
CA MET E 160 -27.94 -2.95 -20.03
C MET E 160 -28.84 -1.82 -19.55
N LEU E 161 -29.87 -1.55 -20.34
CA LEU E 161 -30.85 -0.51 -20.03
C LEU E 161 -32.27 -1.07 -20.08
N GLU E 162 -33.00 -0.93 -18.98
CA GLU E 162 -34.38 -1.40 -18.94
C GLU E 162 -35.22 -0.30 -19.57
N THR E 163 -36.00 -0.64 -20.58
CA THR E 163 -36.82 0.37 -21.26
C THR E 163 -38.22 -0.12 -21.61
N VAL E 164 -39.00 0.77 -22.22
CA VAL E 164 -40.36 0.45 -22.64
C VAL E 164 -40.54 0.93 -24.08
N PRO E 165 -40.56 -0.02 -25.04
CA PRO E 165 -40.71 0.26 -26.47
C PRO E 165 -41.86 1.21 -26.83
N ARG E 166 -41.49 2.43 -27.20
CA ARG E 166 -42.48 3.43 -27.60
C ARG E 166 -42.13 4.00 -28.96
N SER E 167 -43.13 4.10 -29.83
CA SER E 167 -42.94 4.63 -31.17
C SER E 167 -42.28 6.00 -31.13
N GLY E 168 -41.30 6.20 -32.01
CA GLY E 168 -40.62 7.48 -32.09
C GLY E 168 -39.36 7.64 -31.25
N GLU E 169 -39.13 6.74 -30.31
CA GLU E 169 -37.95 6.83 -29.45
C GLU E 169 -36.68 6.34 -30.15
N VAL E 170 -35.56 6.99 -29.84
CA VAL E 170 -34.27 6.64 -30.42
C VAL E 170 -33.16 6.61 -29.37
N TYR E 171 -32.95 5.44 -28.77
CA TYR E 171 -31.92 5.28 -27.74
C TYR E 171 -30.51 5.30 -28.34
N THR E 172 -29.57 5.87 -27.61
CA THR E 172 -28.20 5.94 -28.08
C THR E 172 -27.18 5.59 -27.00
N CYS E 173 -26.30 4.65 -27.30
CA CYS E 173 -25.25 4.26 -26.36
C CYS E 173 -24.01 5.06 -26.75
N GLN E 174 -23.49 5.87 -25.83
CA GLN E 174 -22.33 6.69 -26.09
C GLN E 174 -21.10 6.15 -25.32
N VAL E 175 -20.01 5.91 -26.03
CA VAL E 175 -18.79 5.36 -25.42
C VAL E 175 -17.56 6.27 -25.52
N GLU E 176 -16.99 6.62 -24.37
CA GLU E 176 -15.79 7.45 -24.31
C GLU E 176 -14.62 6.54 -23.93
N HIS E 177 -13.55 6.60 -24.72
CA HIS E 177 -12.37 5.77 -24.49
C HIS E 177 -11.14 6.49 -25.02
N PRO E 178 -10.00 6.38 -24.31
CA PRO E 178 -8.77 7.05 -24.73
C PRO E 178 -8.31 6.79 -26.16
N SER E 179 -8.80 5.72 -26.77
CA SER E 179 -8.41 5.40 -28.14
C SER E 179 -9.11 6.25 -29.20
N VAL E 180 -10.17 6.94 -28.80
CA VAL E 180 -10.90 7.77 -29.76
C VAL E 180 -10.97 9.23 -29.34
N THR E 181 -10.78 10.10 -30.32
CA THR E 181 -10.80 11.54 -30.11
C THR E 181 -12.22 12.04 -29.80
N SER E 182 -13.19 11.39 -30.41
CA SER E 182 -14.59 11.74 -30.20
C SER E 182 -15.33 10.48 -29.77
N PRO E 183 -16.34 10.63 -28.90
CA PRO E 183 -17.09 9.46 -28.43
C PRO E 183 -17.78 8.66 -29.53
N LEU E 184 -17.83 7.35 -29.34
CA LEU E 184 -18.47 6.46 -30.29
C LEU E 184 -19.93 6.36 -29.88
N THR E 185 -20.84 6.40 -30.84
CA THR E 185 -22.26 6.29 -30.53
C THR E 185 -22.96 5.30 -31.43
N VAL E 186 -23.90 4.58 -30.86
CA VAL E 186 -24.68 3.59 -31.58
C VAL E 186 -26.13 3.77 -31.19
N GLU E 187 -26.97 4.04 -32.19
CA GLU E 187 -28.39 4.23 -31.95
C GLU E 187 -29.15 2.93 -32.11
N TRP E 188 -30.33 2.87 -31.51
CA TRP E 188 -31.16 1.68 -31.61
C TRP E 188 -32.51 2.03 -32.22
N ARG E 189 -32.71 1.58 -33.46
CA ARG E 189 -33.95 1.82 -34.21
C ARG E 189 -34.16 3.27 -34.66
N ALA E 190 -33.44 3.64 -35.72
CA ALA E 190 -33.48 4.97 -36.35
C ALA E 190 -33.45 6.20 -35.46
N PRO F 2 22.19 -5.01 -34.92
CA PRO F 2 20.75 -4.65 -34.94
C PRO F 2 20.29 -4.10 -33.58
N VAL F 3 20.88 -4.62 -32.51
CA VAL F 3 20.56 -4.22 -31.13
C VAL F 3 19.28 -4.89 -30.62
N VAL F 4 19.38 -5.52 -29.45
CA VAL F 4 18.25 -6.19 -28.84
C VAL F 4 17.93 -5.61 -27.47
N HIS F 5 16.66 -5.37 -27.21
CA HIS F 5 16.24 -4.82 -25.92
C HIS F 5 15.66 -5.91 -25.02
N PHE F 6 16.35 -6.15 -23.90
CA PHE F 6 15.96 -7.17 -22.95
C PHE F 6 15.28 -6.66 -21.70
N PHE F 7 14.27 -7.38 -21.24
CA PHE F 7 13.65 -7.04 -19.96
C PHE F 7 14.67 -7.63 -18.98
N LYS F 8 14.87 -6.99 -17.82
CA LYS F 8 15.82 -7.47 -16.82
C LYS F 8 15.06 -8.08 -15.63
N ASN F 9 15.51 -9.21 -15.13
CA ASN F 9 14.84 -9.78 -13.97
C ASN F 9 15.71 -9.54 -12.74
N ILE F 10 15.07 -9.39 -11.59
CA ILE F 10 15.82 -9.23 -10.36
C ILE F 10 16.27 -10.65 -10.03
N VAL F 11 17.52 -10.81 -9.61
CA VAL F 11 18.05 -12.13 -9.28
C VAL F 11 17.80 -12.37 -7.81
N THR F 12 17.08 -13.45 -7.51
CA THR F 12 16.78 -13.80 -6.14
C THR F 12 17.94 -14.61 -5.57
N PRO F 13 18.55 -14.12 -4.47
CA PRO F 13 19.67 -14.83 -3.83
C PRO F 13 19.19 -15.95 -2.93
N ARG F 14 20.07 -16.91 -2.68
CA ARG F 14 19.73 -18.03 -1.83
C ARG F 14 19.71 -17.64 -0.36
N THR F 15 18.66 -18.09 0.35
CA THR F 15 18.52 -17.83 1.78
C THR F 15 19.58 -18.69 2.47
N PRO F 16 20.32 -18.11 3.43
CA PRO F 16 21.35 -18.88 4.14
C PRO F 16 20.77 -19.93 5.07
N PRO F 17 21.50 -21.02 5.28
CA PRO F 17 21.00 -22.06 6.19
C PRO F 17 20.94 -21.48 7.60
N PRO F 18 19.96 -21.90 8.41
CA PRO F 18 19.81 -21.39 9.77
C PRO F 18 20.97 -21.74 10.71
N SER F 19 21.83 -22.67 10.29
CA SER F 19 22.98 -23.08 11.10
C SER F 19 22.57 -23.84 12.37
S SO4 G . 22.85 22.10 38.78
O1 SO4 G . 22.72 20.65 39.06
O2 SO4 G . 24.29 22.46 38.75
O3 SO4 G . 22.23 22.41 37.48
O4 SO4 G . 22.17 22.87 39.83
S SO4 H . 0.39 -2.83 1.80
O1 SO4 H . -0.22 -4.18 1.86
O2 SO4 H . 1.37 -2.69 2.89
O3 SO4 H . 1.06 -2.67 0.50
O4 SO4 H . -0.66 -1.81 1.94
C1 GOL I . 0.07 30.63 3.29
O1 GOL I . 0.01 30.80 1.91
C2 GOL I . 0.78 31.83 3.85
O2 GOL I . 1.86 31.33 4.72
C3 GOL I . -0.22 32.68 4.71
O3 GOL I . 0.38 32.58 6.03
S SO4 J . -21.22 -33.56 -30.44
O1 SO4 J . -20.70 -34.26 -29.25
O2 SO4 J . -20.59 -34.11 -31.66
O3 SO4 J . -22.68 -33.73 -30.51
O4 SO4 J . -20.89 -32.12 -30.35
C1 GOL K . -11.35 -9.77 -8.22
O1 GOL K . -10.98 -9.55 -9.54
C2 GOL K . -11.24 -8.44 -7.51
O2 GOL K . -9.79 -8.18 -7.34
C3 GOL K . -11.88 -8.54 -6.08
O3 GOL K . -10.74 -8.34 -5.22
#